data_2HWB
#
_entry.id   2HWB
#
_cell.length_a   445.100
_cell.length_b   445.100
_cell.length_c   445.100
_cell.angle_alpha   90.00
_cell.angle_beta   90.00
_cell.angle_gamma   90.00
#
_symmetry.space_group_name_H-M   'P 21 3'
#
loop_
_entity.id
_entity.type
_entity.pdbx_description
1 polymer 'HUMAN RHINOVIRUS 14 COAT PROTEIN (SUBUNIT VP1)'
2 polymer 'HUMAN RHINOVIRUS 14 COAT PROTEIN (SUBUNIT VP2)'
3 polymer 'HUMAN RHINOVIRUS 14 COAT PROTEIN (SUBUNIT VP3)'
4 polymer 'HUMAN RHINOVIRUS 14 COAT PROTEIN (SUBUNIT VP4)'
5 non-polymer '5-(3-(2,6-DICHLORO-4-(4,5-DIHYDRO-2-OXAZOLYL)PHENOXY)PROPYL)-3-METHYL ISOXAZOLE'
#
loop_
_entity_poly.entity_id
_entity_poly.type
_entity_poly.pdbx_seq_one_letter_code
_entity_poly.pdbx_strand_id
1 'polypeptide(L)'
;GLGDELEEVIVEKTKQTVASISSGPKHTQKVPILTANETGATMPVLPSDSIETRTTYMHFNGSETDVECFLGRAACVHVT
EIQNKDATGIDNHREAKLFNDWKINLSSLVQLRKKLELFTYVRFDSEYTILATASQPDSANYSSNLVVQAMYVPPGAPNP
KEWDDYTWQSASNPSVFFKVGDTSRFSVPYVGLASAYNCFYDGYSHDDAETQYGITVLNHMGSMAFRIVNEHDEHKTLVK
IRVYHRAKHVEAWIPRAPRALPYTSIGRTNYPKNTEPVIKKRKGDIKSY
;
1
2 'polypeptide(L)'
;SPNVEACGYSDRVQQITLGNSTITTQEAANAVVCYAEWPEYLPDVDASDVNKTSKPDTSVCRFYTLDSKTWTTGSKGWCW
KLPDALKDMGVFGQNMFFHSLGRSGYTVHVQCNATKFHSGCLLVVVIPEHQLASHEGGNVSVKYTFTHPGERGIDLSSAN
EVGGPVKDVVYNMNGTLLGNLLIFPHQFINLRTNNTATIVIPYINSVPIDSMTRHNNVSLMVIPIAPLTVPTGATPSLPI
TVTIAPMCTEFSGIRSKSIVPQ
;
2
3 'polypeptide(L)'
;GLPTTTLPGSGQFLTTDDRQSPSALPNYEPTPRIHIPGKVHNLLEIIQVDTLIPMNNTHTKDEVNSYLIPLNANRQNEQV
FGTNLFIGDGVFKTTLLGEIVQYYTHWSGSLRFSLMYTGPALSSAKLILAYTPPGARGPQDRREAMLGTHVVWDIGLQST
IVMTIPWTSGVQFRYTDPDTYTSAGFLSCWYQTSLILPPETTGQVYLLSFISACPDFKLRLMKDTQTISQTVALTE
;
3
4 'polypeptide(L)' GAQVSTQKSGSHENQNILTNGSNQTFTVINYYKDAASTSSAGQSLSMDPSKFTEPVKDLMLKGAPALN 4
#
loop_
_chem_comp.id
_chem_comp.type
_chem_comp.name
_chem_comp.formula
W91 non-polymer '5-(3-(2,6-DICHLORO-4-(4,5-DIHYDRO-2-OXAZOLYL)PHENOXY)PROPYL)-3-METHYL ISOXAZOLE' 'C16 H16 Cl2 N2 O3'
#
# COMPACT_ATOMS: atom_id res chain seq x y z
N THR A 17 -24.55 -13.03 14.25
CA THR A 17 -23.25 -13.57 13.85
C THR A 17 -22.26 -14.19 14.86
N VAL A 18 -21.77 -15.42 14.59
CA VAL A 18 -20.91 -15.90 15.71
C VAL A 18 -19.49 -15.44 15.47
N ALA A 19 -18.85 -14.99 16.53
CA ALA A 19 -17.45 -14.60 16.51
C ALA A 19 -16.57 -15.82 16.78
N SER A 20 -17.12 -16.74 17.52
CA SER A 20 -16.35 -17.99 17.78
C SER A 20 -17.42 -19.04 17.98
N ILE A 21 -17.17 -20.25 17.48
CA ILE A 21 -18.10 -21.33 17.74
C ILE A 21 -17.52 -22.16 18.92
N SER A 22 -18.34 -23.07 19.36
CA SER A 22 -17.87 -23.91 20.50
C SER A 22 -16.98 -24.97 19.97
N SER A 23 -15.88 -25.30 20.41
CA SER A 23 -15.12 -26.46 19.73
C SER A 23 -14.45 -27.23 20.79
N GLY A 24 -14.23 -28.50 20.72
CA GLY A 24 -13.65 -29.29 21.89
C GLY A 24 -12.38 -29.94 21.50
N PRO A 25 -11.95 -30.97 22.20
CA PRO A 25 -10.65 -31.64 21.97
C PRO A 25 -10.61 -32.11 20.53
N LYS A 26 -9.56 -32.30 19.88
CA LYS A 26 -9.28 -32.74 18.50
C LYS A 26 -8.17 -33.80 18.49
N HIS A 27 -8.17 -34.83 17.75
CA HIS A 27 -6.98 -35.77 17.67
C HIS A 27 -7.09 -36.23 16.21
N THR A 28 -6.81 -35.47 15.23
CA THR A 28 -6.95 -35.72 13.89
C THR A 28 -5.69 -35.82 13.02
N GLN A 29 -6.01 -36.13 11.81
CA GLN A 29 -5.12 -36.39 10.69
C GLN A 29 -5.35 -35.12 9.82
N LYS A 30 -6.19 -34.27 10.30
CA LYS A 30 -6.58 -33.06 9.51
C LYS A 30 -6.07 -31.85 10.27
N VAL A 31 -4.92 -31.32 9.94
CA VAL A 31 -4.27 -30.24 10.71
C VAL A 31 -4.41 -28.91 10.07
N PRO A 32 -5.35 -28.08 10.41
CA PRO A 32 -5.53 -26.77 9.77
C PRO A 32 -4.44 -25.77 10.11
N ILE A 33 -3.59 -26.01 11.08
CA ILE A 33 -2.60 -25.00 11.45
C ILE A 33 -1.30 -25.21 10.73
N LEU A 34 -1.07 -26.22 9.93
CA LEU A 34 0.24 -26.37 9.23
C LEU A 34 0.03 -25.82 7.83
N THR A 35 0.70 -24.84 7.39
CA THR A 35 0.45 -24.40 5.99
C THR A 35 1.71 -24.16 5.26
N ALA A 36 1.78 -23.64 4.08
CA ALA A 36 3.00 -23.31 3.32
C ALA A 36 2.92 -21.85 2.89
N ASN A 37 3.40 -20.86 3.58
CA ASN A 37 3.26 -19.45 3.29
C ASN A 37 3.93 -19.09 1.99
N GLU A 38 4.68 -20.03 1.42
CA GLU A 38 5.38 -19.70 0.20
C GLU A 38 4.40 -19.47 -0.93
N THR A 39 3.17 -19.92 -0.75
CA THR A 39 2.12 -19.92 -1.77
C THR A 39 1.57 -18.54 -1.98
N GLY A 40 1.68 -17.67 -0.99
CA GLY A 40 1.19 -16.31 -1.12
C GLY A 40 -0.16 -16.24 -0.47
N ALA A 41 -0.70 -17.27 0.09
CA ALA A 41 -2.06 -17.11 0.71
C ALA A 41 -1.99 -16.79 2.14
N THR A 42 -2.96 -16.18 2.79
CA THR A 42 -3.06 -16.16 4.28
C THR A 42 -4.26 -17.05 4.60
N MET A 43 -3.97 -18.25 4.95
CA MET A 43 -5.02 -19.23 5.32
C MET A 43 -5.83 -18.75 6.49
N PRO A 44 -7.14 -18.81 6.37
CA PRO A 44 -8.08 -18.30 7.38
C PRO A 44 -8.20 -19.08 8.66
N VAL A 45 -7.16 -19.15 9.43
CA VAL A 45 -7.14 -19.92 10.70
C VAL A 45 -7.80 -19.10 11.79
N LEU A 46 -8.51 -19.80 12.66
CA LEU A 46 -9.26 -19.25 13.81
C LEU A 46 -8.89 -19.86 15.13
N PRO A 47 -9.20 -19.14 16.21
CA PRO A 47 -8.92 -19.67 17.57
C PRO A 47 -9.40 -21.05 17.71
N SER A 48 -10.55 -21.36 17.14
CA SER A 48 -11.14 -22.71 17.33
C SER A 48 -10.40 -23.70 16.50
N ASP A 49 -9.24 -23.53 16.02
CA ASP A 49 -8.60 -24.59 15.17
C ASP A 49 -7.49 -25.17 16.03
N SER A 50 -7.22 -24.38 17.08
CA SER A 50 -6.10 -24.77 17.91
C SER A 50 -6.37 -24.66 19.37
N ILE A 51 -7.39 -24.17 19.94
CA ILE A 51 -7.73 -24.30 21.36
C ILE A 51 -9.19 -24.74 21.45
N GLU A 52 -9.71 -25.06 22.60
CA GLU A 52 -11.15 -25.41 22.75
C GLU A 52 -11.89 -24.11 22.99
N THR A 53 -12.86 -23.67 22.24
CA THR A 53 -13.59 -22.41 22.40
C THR A 53 -15.02 -22.65 22.81
N ARG A 54 -15.69 -21.56 23.12
CA ARG A 54 -17.11 -21.52 23.57
C ARG A 54 -17.81 -20.61 22.60
N THR A 55 -19.08 -20.65 22.40
CA THR A 55 -19.70 -19.67 21.48
C THR A 55 -19.70 -18.28 22.05
N THR A 56 -19.48 -17.34 21.14
CA THR A 56 -19.55 -15.90 21.41
C THR A 56 -20.04 -15.24 20.10
N TYR A 57 -20.77 -14.14 20.24
CA TYR A 57 -21.24 -13.38 19.04
C TYR A 57 -20.46 -12.13 18.83
N MET A 58 -20.52 -11.66 17.60
CA MET A 58 -19.70 -10.49 17.18
C MET A 58 -20.29 -9.23 17.73
N HIS A 59 -21.58 -9.04 17.68
CA HIS A 59 -22.08 -7.72 18.18
C HIS A 59 -21.40 -6.60 17.41
N PHE A 60 -21.00 -6.69 16.19
CA PHE A 60 -20.26 -5.55 15.54
C PHE A 60 -20.32 -5.65 14.06
N ASN A 61 -20.33 -4.67 13.21
CA ASN A 61 -20.42 -4.78 11.80
C ASN A 61 -19.25 -4.32 11.07
N GLY A 62 -18.40 -3.52 11.62
CA GLY A 62 -17.23 -3.04 10.83
C GLY A 62 -17.65 -1.85 10.00
N SER A 63 -18.61 -1.09 10.42
CA SER A 63 -19.12 0.10 9.86
C SER A 63 -18.11 1.24 9.63
N GLU A 64 -17.27 1.42 10.66
CA GLU A 64 -16.38 2.64 10.76
C GLU A 64 -15.02 2.45 10.16
N THR A 65 -14.89 1.36 9.43
CA THR A 65 -13.66 0.97 8.75
C THR A 65 -14.02 0.88 7.25
N ASP A 66 -15.24 1.21 6.93
CA ASP A 66 -15.61 1.26 5.50
C ASP A 66 -14.76 2.30 4.82
N VAL A 67 -14.27 2.17 3.63
CA VAL A 67 -13.42 3.24 3.06
C VAL A 67 -14.23 4.51 2.95
N GLU A 68 -15.55 4.45 2.87
CA GLU A 68 -16.25 5.77 2.69
C GLU A 68 -16.06 6.51 3.99
N CYS A 69 -16.03 5.84 5.07
CA CYS A 69 -15.96 6.46 6.40
C CYS A 69 -14.53 6.93 6.63
N PHE A 70 -13.61 6.09 6.21
CA PHE A 70 -12.15 6.35 6.46
C PHE A 70 -11.74 7.63 5.74
N LEU A 71 -12.18 7.87 4.50
CA LEU A 71 -11.75 9.04 3.76
C LEU A 71 -12.83 10.10 3.84
N GLY A 72 -13.92 9.81 4.50
CA GLY A 72 -15.04 10.77 4.46
C GLY A 72 -15.09 11.83 5.47
N ARG A 73 -14.09 12.26 6.15
CA ARG A 73 -14.25 13.43 7.13
C ARG A 73 -13.41 14.54 6.56
N ALA A 74 -13.71 15.76 6.81
CA ALA A 74 -12.91 16.91 6.31
C ALA A 74 -11.49 16.89 6.84
N ALA A 75 -10.47 17.08 6.06
CA ALA A 75 -9.06 17.19 6.50
C ALA A 75 -8.54 18.53 6.00
N CYS A 76 -7.65 19.18 6.72
CA CYS A 76 -7.11 20.50 6.21
C CYS A 76 -6.17 20.17 5.07
N VAL A 77 -6.36 20.76 3.95
CA VAL A 77 -5.49 20.39 2.83
C VAL A 77 -4.64 21.58 2.44
N HIS A 78 -4.83 22.75 2.97
CA HIS A 78 -4.07 23.93 2.44
C HIS A 78 -4.29 25.14 3.31
N VAL A 79 -3.21 25.84 3.63
CA VAL A 79 -3.40 27.13 4.35
C VAL A 79 -2.71 28.20 3.53
N THR A 80 -3.31 29.21 3.10
CA THR A 80 -2.66 30.27 2.31
C THR A 80 -2.97 31.57 3.00
N GLU A 81 -2.51 32.67 2.43
CA GLU A 81 -2.84 34.00 3.03
C GLU A 81 -2.71 35.11 1.96
N ILE A 82 -3.62 36.04 2.09
CA ILE A 82 -3.75 37.21 1.25
C ILE A 82 -3.92 38.42 2.15
N GLN A 83 -3.60 39.64 1.70
CA GLN A 83 -3.89 40.82 2.54
C GLN A 83 -4.66 41.93 1.80
N ASN A 84 -5.34 42.72 2.60
CA ASN A 84 -6.10 43.85 2.01
C ASN A 84 -5.20 45.03 2.35
N LYS A 85 -4.74 45.69 1.35
CA LYS A 85 -3.87 46.90 1.63
C LYS A 85 -3.89 47.76 0.41
N ASP A 86 -3.44 48.99 0.48
CA ASP A 86 -3.43 49.88 -0.70
C ASP A 86 -2.48 49.36 -1.80
N ALA A 87 -3.04 49.09 -3.00
CA ALA A 87 -2.21 48.46 -4.03
C ALA A 87 -1.45 49.55 -4.80
N THR A 88 -1.78 50.75 -4.41
CA THR A 88 -1.11 51.89 -5.03
C THR A 88 0.41 51.71 -4.96
N GLY A 89 0.95 51.78 -6.22
CA GLY A 89 2.39 51.52 -6.45
C GLY A 89 2.86 50.11 -6.26
N ILE A 90 1.94 49.10 -6.41
CA ILE A 90 2.50 47.71 -6.15
C ILE A 90 2.72 47.19 -7.55
N ASP A 91 3.95 46.71 -7.72
CA ASP A 91 4.15 46.30 -9.20
C ASP A 91 3.75 44.91 -9.40
N ASN A 92 3.44 44.18 -8.31
CA ASN A 92 3.21 42.71 -8.50
C ASN A 92 2.28 42.24 -7.38
N HIS A 93 0.99 42.31 -7.76
CA HIS A 93 -0.05 42.05 -6.77
C HIS A 93 0.15 40.65 -6.18
N ARG A 94 0.50 39.81 -7.15
CA ARG A 94 0.58 38.36 -6.74
C ARG A 94 1.63 38.28 -5.67
N GLU A 95 2.71 39.02 -5.97
CA GLU A 95 3.79 39.03 -5.01
C GLU A 95 3.51 39.72 -3.72
N ALA A 96 2.58 40.65 -3.63
CA ALA A 96 2.26 41.37 -2.38
C ALA A 96 1.18 40.61 -1.59
N LYS A 97 0.83 39.40 -2.05
CA LYS A 97 -0.29 38.66 -1.54
C LYS A 97 -1.57 39.55 -1.64
N LEU A 98 -1.64 40.30 -2.69
CA LEU A 98 -2.88 41.10 -2.90
C LEU A 98 -3.92 40.10 -3.32
N PHE A 99 -3.37 38.93 -3.56
CA PHE A 99 -4.12 37.77 -3.97
C PHE A 99 -3.18 36.65 -4.27
N ASN A 100 -3.59 35.51 -3.79
CA ASN A 100 -2.83 34.29 -3.92
C ASN A 100 -3.64 33.22 -4.63
N ASP A 101 -2.95 32.14 -4.85
CA ASP A 101 -3.49 30.96 -5.47
C ASP A 101 -2.82 29.74 -4.86
N TRP A 102 -3.33 28.61 -5.25
CA TRP A 102 -2.85 27.32 -4.76
C TRP A 102 -3.09 26.26 -5.83
N LYS A 103 -2.06 26.10 -6.65
CA LYS A 103 -2.07 25.13 -7.76
C LYS A 103 -2.55 23.77 -7.25
N ILE A 104 -3.82 23.79 -6.87
CA ILE A 104 -4.57 22.62 -6.35
C ILE A 104 -3.74 21.34 -6.36
N ASN A 105 -3.86 20.65 -5.23
CA ASN A 105 -3.20 19.36 -4.95
C ASN A 105 -3.51 18.96 -3.51
N LEU A 106 -3.53 17.65 -3.32
CA LEU A 106 -3.88 17.02 -2.04
C LEU A 106 -2.67 16.29 -1.44
N SER A 107 -1.49 16.65 -1.91
CA SER A 107 -0.24 16.01 -1.45
C SER A 107 0.53 16.94 -0.50
N SER A 108 0.10 18.19 -0.48
CA SER A 108 0.72 19.22 0.37
C SER A 108 0.86 18.70 1.80
N LEU A 109 -0.29 18.67 2.49
CA LEU A 109 -0.37 18.18 3.87
C LEU A 109 -0.33 16.64 3.83
N VAL A 110 0.45 16.10 4.77
CA VAL A 110 0.74 14.66 4.85
C VAL A 110 -0.25 13.82 5.68
N GLN A 111 -1.05 14.47 6.51
CA GLN A 111 -2.01 13.73 7.37
C GLN A 111 -3.04 12.97 6.52
N LEU A 112 -3.60 13.69 5.57
CA LEU A 112 -4.61 13.12 4.67
C LEU A 112 -3.93 12.35 3.53
N ARG A 113 -2.69 12.72 3.28
CA ARG A 113 -1.88 12.12 2.21
C ARG A 113 -1.61 10.63 2.48
N LYS A 114 -1.11 10.35 3.66
CA LYS A 114 -0.76 8.96 4.06
C LYS A 114 -1.98 8.05 3.94
N LYS A 115 -3.12 8.59 4.34
CA LYS A 115 -4.40 7.86 4.32
C LYS A 115 -4.78 7.44 2.89
N LEU A 116 -4.65 8.40 1.99
CA LEU A 116 -5.01 8.23 0.58
C LEU A 116 -4.06 7.26 -0.15
N GLU A 117 -2.80 7.33 0.22
CA GLU A 117 -1.72 6.55 -0.42
C GLU A 117 -1.69 5.09 0.08
N LEU A 118 -2.75 4.72 0.76
CA LEU A 118 -2.95 3.34 1.24
C LEU A 118 -3.49 2.52 0.06
N PHE A 119 -3.92 3.28 -0.94
CA PHE A 119 -4.52 2.79 -2.21
C PHE A 119 -3.74 3.35 -3.41
N THR A 120 -3.90 2.70 -4.55
CA THR A 120 -3.18 3.09 -5.80
C THR A 120 -4.02 4.07 -6.64
N TYR A 121 -5.28 3.71 -6.87
CA TYR A 121 -6.26 4.56 -7.61
C TYR A 121 -7.43 4.89 -6.67
N VAL A 122 -7.96 6.04 -6.79
CA VAL A 122 -9.05 6.44 -5.78
C VAL A 122 -10.00 7.22 -6.58
N ARG A 123 -11.28 7.17 -6.36
CA ARG A 123 -12.27 7.96 -7.14
C ARG A 123 -13.28 8.51 -6.13
N PHE A 124 -13.60 9.80 -6.14
CA PHE A 124 -14.53 10.36 -5.18
C PHE A 124 -14.99 11.74 -5.59
N ASP A 125 -16.08 12.25 -5.07
CA ASP A 125 -16.50 13.67 -5.24
C ASP A 125 -15.84 14.43 -4.08
N SER A 126 -15.62 15.68 -4.17
CA SER A 126 -14.99 16.42 -3.08
C SER A 126 -15.96 17.38 -2.50
N GLU A 127 -15.92 17.51 -1.22
CA GLU A 127 -16.70 18.62 -0.63
C GLU A 127 -15.68 19.56 -0.04
N TYR A 128 -15.54 20.80 -0.44
CA TYR A 128 -14.58 21.75 0.14
C TYR A 128 -15.17 22.61 1.21
N THR A 129 -14.54 22.85 2.32
CA THR A 129 -15.03 23.92 3.27
C THR A 129 -13.90 24.91 3.31
N ILE A 130 -14.13 26.18 3.26
CA ILE A 130 -13.02 27.17 3.28
C ILE A 130 -13.23 28.07 4.46
N LEU A 131 -12.40 28.05 5.44
CA LEU A 131 -12.54 28.97 6.62
C LEU A 131 -11.57 30.13 6.39
N ALA A 132 -11.90 31.34 6.60
CA ALA A 132 -11.06 32.54 6.42
C ALA A 132 -11.04 33.34 7.68
N THR A 133 -9.98 33.61 8.34
CA THR A 133 -10.08 34.45 9.62
C THR A 133 -9.21 35.63 9.41
N ALA A 134 -9.45 36.75 10.09
CA ALA A 134 -8.57 37.93 9.81
C ALA A 134 -7.74 38.20 11.04
N SER A 135 -6.61 38.79 10.82
CA SER A 135 -5.62 39.21 11.76
C SER A 135 -5.25 40.67 11.46
N GLN A 136 -5.00 41.38 12.52
CA GLN A 136 -4.58 42.82 12.36
C GLN A 136 -3.40 43.06 13.26
N PRO A 137 -2.26 42.51 12.86
CA PRO A 137 -1.07 42.57 13.68
C PRO A 137 -0.66 43.97 13.98
N ASP A 138 -1.03 45.02 13.29
CA ASP A 138 -0.45 46.30 13.82
C ASP A 138 -1.49 47.38 13.88
N SER A 139 -1.69 47.88 15.05
CA SER A 139 -2.54 49.03 15.28
C SER A 139 -3.63 49.32 14.30
N ALA A 140 -4.86 48.97 14.64
CA ALA A 140 -6.01 49.33 13.74
C ALA A 140 -7.10 49.89 14.65
N ASN A 141 -7.94 50.76 14.14
CA ASN A 141 -9.00 51.29 15.00
C ASN A 141 -10.09 50.25 15.23
N TYR A 142 -10.15 49.42 14.21
CA TYR A 142 -11.17 48.41 14.13
C TYR A 142 -10.79 47.27 13.21
N SER A 143 -11.75 46.33 13.22
CA SER A 143 -11.71 45.10 12.40
C SER A 143 -12.56 45.28 11.19
N SER A 144 -12.05 45.26 10.00
CA SER A 144 -13.08 45.68 8.88
C SER A 144 -13.88 44.52 8.46
N ASN A 145 -14.96 44.63 7.66
CA ASN A 145 -15.55 43.34 7.21
C ASN A 145 -15.43 43.21 5.71
N LEU A 146 -14.52 42.27 5.46
CA LEU A 146 -14.03 41.82 4.20
C LEU A 146 -14.85 40.65 3.67
N VAL A 147 -14.88 40.61 2.36
CA VAL A 147 -15.55 39.57 1.60
C VAL A 147 -14.53 38.93 0.65
N VAL A 148 -14.34 37.65 0.83
CA VAL A 148 -13.40 36.86 0.03
C VAL A 148 -14.09 36.33 -1.23
N GLN A 149 -13.28 36.15 -2.26
CA GLN A 149 -13.74 35.62 -3.55
C GLN A 149 -12.79 34.54 -4.05
N ALA A 150 -13.27 33.32 -3.96
CA ALA A 150 -12.53 32.13 -4.40
C ALA A 150 -13.05 31.67 -5.77
N MET A 151 -12.16 31.77 -6.74
CA MET A 151 -12.45 31.39 -8.13
C MET A 151 -11.43 30.35 -8.61
N TYR A 152 -11.98 29.33 -9.25
CA TYR A 152 -11.19 28.20 -9.78
C TYR A 152 -10.89 28.42 -11.26
N VAL A 153 -9.63 28.75 -11.51
CA VAL A 153 -9.13 29.00 -12.86
C VAL A 153 -8.79 27.67 -13.53
N PRO A 154 -9.71 27.06 -14.30
CA PRO A 154 -9.43 25.80 -14.94
C PRO A 154 -8.23 25.96 -15.83
N PRO A 155 -7.39 24.93 -16.01
CA PRO A 155 -6.21 25.06 -16.85
C PRO A 155 -6.62 25.45 -18.25
N GLY A 156 -6.00 26.53 -18.71
CA GLY A 156 -6.26 27.09 -20.05
C GLY A 156 -7.18 28.31 -19.94
N ALA A 157 -7.20 28.86 -18.74
CA ALA A 157 -8.02 30.03 -18.41
C ALA A 157 -7.17 31.25 -18.08
N PRO A 158 -7.66 32.47 -18.37
CA PRO A 158 -6.93 33.68 -18.07
C PRO A 158 -6.65 33.77 -16.59
N ASN A 159 -5.38 33.71 -16.25
CA ASN A 159 -4.89 33.76 -14.86
C ASN A 159 -4.92 35.20 -14.33
N PRO A 160 -5.50 35.46 -13.14
CA PRO A 160 -5.53 36.80 -12.60
C PRO A 160 -4.13 37.31 -12.43
N LYS A 161 -3.93 38.47 -13.03
CA LYS A 161 -2.65 39.18 -12.98
C LYS A 161 -2.69 40.21 -11.84
N GLU A 162 -3.83 40.88 -11.77
CA GLU A 162 -4.09 41.90 -10.74
C GLU A 162 -5.16 41.40 -9.77
N TRP A 163 -5.62 42.30 -8.91
CA TRP A 163 -6.61 41.96 -7.88
C TRP A 163 -8.02 42.44 -8.23
N ASP A 164 -8.12 43.16 -9.33
CA ASP A 164 -9.41 43.66 -9.83
C ASP A 164 -9.43 43.59 -11.35
N ASP A 165 -8.83 42.53 -11.83
CA ASP A 165 -8.71 42.24 -13.26
C ASP A 165 -10.11 42.04 -13.87
N TYR A 166 -10.07 41.53 -15.08
CA TYR A 166 -11.28 41.21 -15.85
C TYR A 166 -11.60 39.74 -15.66
N THR A 167 -10.59 39.06 -15.15
CA THR A 167 -10.63 37.62 -14.86
C THR A 167 -11.57 37.32 -13.70
N TRP A 168 -11.51 38.22 -12.73
CA TRP A 168 -12.32 38.11 -11.51
C TRP A 168 -13.80 38.21 -11.86
N GLN A 169 -14.06 38.61 -13.08
CA GLN A 169 -15.42 38.71 -13.61
C GLN A 169 -16.05 37.31 -13.55
N SER A 170 -15.15 36.36 -13.74
CA SER A 170 -15.47 34.92 -13.73
C SER A 170 -16.93 34.72 -14.14
N ALA A 171 -17.16 34.89 -15.43
CA ALA A 171 -18.50 34.77 -16.04
C ALA A 171 -18.80 33.34 -16.46
N SER A 172 -17.75 32.54 -16.51
CA SER A 172 -17.86 31.12 -16.91
C SER A 172 -17.14 30.21 -15.91
N ASN A 173 -16.44 30.86 -15.00
CA ASN A 173 -15.66 30.19 -13.94
C ASN A 173 -16.43 30.16 -12.63
N PRO A 174 -16.70 28.98 -12.05
CA PRO A 174 -17.42 28.89 -10.78
C PRO A 174 -16.63 29.63 -9.72
N SER A 175 -17.32 30.56 -9.06
CA SER A 175 -16.73 31.39 -7.99
C SER A 175 -17.72 31.57 -6.84
N VAL A 176 -17.16 31.69 -5.64
CA VAL A 176 -17.95 31.87 -4.41
C VAL A 176 -17.43 33.08 -3.61
N PHE A 177 -18.40 33.84 -3.12
CA PHE A 177 -18.15 35.04 -2.30
C PHE A 177 -18.72 34.85 -0.89
N PHE A 178 -17.83 34.85 0.07
CA PHE A 178 -18.19 34.71 1.49
C PHE A 178 -17.38 35.71 2.33
N LYS A 179 -17.87 35.90 3.54
CA LYS A 179 -17.28 36.84 4.51
C LYS A 179 -16.19 36.18 5.33
N VAL A 180 -15.18 36.98 5.63
CA VAL A 180 -14.06 36.56 6.49
C VAL A 180 -14.63 36.29 7.88
N GLY A 181 -14.20 35.19 8.44
CA GLY A 181 -14.67 34.74 9.76
C GLY A 181 -15.71 33.65 9.55
N ASP A 182 -16.34 33.73 8.39
CA ASP A 182 -17.35 32.77 7.96
C ASP A 182 -16.68 31.68 7.15
N THR A 183 -17.50 30.75 6.73
CA THR A 183 -17.06 29.58 5.97
C THR A 183 -17.89 29.47 4.69
N SER A 184 -17.24 28.93 3.68
CA SER A 184 -17.87 28.70 2.36
C SER A 184 -17.87 27.22 2.13
N ARG A 185 -18.82 26.65 1.48
CA ARG A 185 -18.88 25.21 1.28
C ARG A 185 -19.62 24.85 0.06
N PHE A 186 -19.11 23.84 -0.55
CA PHE A 186 -19.68 23.37 -1.76
C PHE A 186 -19.07 22.05 -2.08
N SER A 187 -19.39 21.55 -3.26
CA SER A 187 -18.86 20.25 -3.60
C SER A 187 -18.57 20.16 -5.04
N VAL A 188 -17.61 19.18 -5.20
CA VAL A 188 -17.24 19.20 -6.70
C VAL A 188 -17.26 17.75 -7.00
N PRO A 189 -17.80 17.59 -8.42
CA PRO A 189 -17.85 16.22 -8.86
C PRO A 189 -16.45 15.69 -9.09
N TYR A 190 -16.26 14.43 -9.28
CA TYR A 190 -14.91 13.88 -9.59
C TYR A 190 -14.51 14.38 -10.99
N VAL A 191 -13.56 15.31 -11.01
CA VAL A 191 -13.10 15.95 -12.27
C VAL A 191 -11.84 15.32 -12.86
N GLY A 192 -11.62 14.06 -12.54
CA GLY A 192 -10.46 13.31 -13.05
C GLY A 192 -10.64 13.04 -14.55
N LEU A 193 -9.51 12.98 -15.24
CA LEU A 193 -9.47 12.72 -16.70
C LEU A 193 -9.81 11.26 -16.97
N ALA A 194 -9.15 10.41 -16.20
CA ALA A 194 -9.31 8.95 -16.29
C ALA A 194 -10.55 8.51 -15.52
N SER A 195 -10.58 7.22 -15.24
CA SER A 195 -11.68 6.57 -14.52
C SER A 195 -11.49 6.72 -13.00
N ALA A 196 -10.28 7.12 -12.64
CA ALA A 196 -9.91 7.32 -11.23
C ALA A 196 -8.61 8.11 -11.12
N TYR A 197 -8.44 8.71 -9.94
CA TYR A 197 -7.25 9.49 -9.59
C TYR A 197 -6.08 8.53 -9.32
N ASN A 198 -4.97 8.82 -9.93
CA ASN A 198 -3.76 7.99 -9.75
C ASN A 198 -2.94 8.51 -8.55
N CYS A 199 -2.94 7.69 -7.52
CA CYS A 199 -2.22 8.00 -6.27
C CYS A 199 -0.71 7.85 -6.51
N PHE A 200 -0.43 7.05 -7.52
CA PHE A 200 0.94 6.76 -7.96
C PHE A 200 0.95 6.57 -9.46
N TYR A 201 2.05 6.91 -10.07
CA TYR A 201 2.20 6.81 -11.52
C TYR A 201 3.67 6.66 -11.89
N ASP A 202 3.99 5.44 -12.27
CA ASP A 202 5.32 5.04 -12.69
C ASP A 202 5.41 5.18 -14.22
N GLY A 203 5.45 6.44 -14.64
CA GLY A 203 5.53 6.82 -16.07
C GLY A 203 5.87 8.31 -16.21
N TYR A 204 5.83 8.76 -17.45
CA TYR A 204 6.13 10.16 -17.81
C TYR A 204 5.07 10.69 -18.79
N SER A 205 5.14 11.99 -19.01
CA SER A 205 4.23 12.70 -19.92
C SER A 205 4.41 12.18 -21.34
N HIS A 206 5.68 12.08 -21.72
CA HIS A 206 6.09 11.58 -23.04
C HIS A 206 7.51 11.01 -22.94
N ASP A 207 7.87 10.30 -23.99
CA ASP A 207 9.17 9.62 -24.08
C ASP A 207 10.32 10.60 -24.29
N ASP A 208 10.55 11.38 -23.25
CA ASP A 208 11.66 12.35 -23.23
C ASP A 208 12.75 11.82 -22.30
N ALA A 209 13.90 12.47 -22.35
CA ALA A 209 15.06 12.05 -21.56
C ALA A 209 15.29 12.98 -20.36
N GLU A 210 14.45 14.00 -20.25
CA GLU A 210 14.57 14.99 -19.16
C GLU A 210 13.22 15.30 -18.51
N THR A 211 12.16 14.83 -19.15
CA THR A 211 10.79 15.05 -18.64
C THR A 211 10.67 14.49 -17.21
N GLN A 212 9.90 15.22 -16.41
CA GLN A 212 9.65 14.88 -15.01
C GLN A 212 9.05 13.48 -14.88
N TYR A 213 9.06 13.01 -13.66
CA TYR A 213 8.59 11.66 -13.31
C TYR A 213 7.66 11.69 -12.11
N GLY A 214 6.54 11.03 -12.28
CA GLY A 214 5.55 10.92 -11.22
C GLY A 214 4.15 11.26 -11.72
N ILE A 215 3.37 11.70 -10.75
CA ILE A 215 1.98 12.06 -10.91
C ILE A 215 1.83 13.57 -11.07
N THR A 216 2.84 14.28 -10.59
CA THR A 216 2.88 15.75 -10.66
C THR A 216 2.66 16.22 -12.10
N VAL A 217 2.77 15.24 -12.98
CA VAL A 217 2.61 15.46 -14.43
C VAL A 217 1.21 15.05 -14.88
N LEU A 218 0.59 14.24 -14.03
CA LEU A 218 -0.76 13.72 -14.29
C LEU A 218 -1.82 14.59 -13.61
N ASN A 219 -1.48 15.08 -12.44
CA ASN A 219 -2.37 15.92 -11.63
C ASN A 219 -2.12 17.41 -11.92
N HIS A 220 -2.66 17.83 -13.05
CA HIS A 220 -2.57 19.21 -13.53
C HIS A 220 -3.98 19.72 -13.82
N MET A 221 -4.67 20.01 -12.72
CA MET A 221 -6.07 20.46 -12.73
C MET A 221 -6.20 21.94 -12.35
N GLY A 222 -5.27 22.73 -12.85
CA GLY A 222 -5.25 24.18 -12.62
C GLY A 222 -5.04 24.51 -11.13
N SER A 223 -5.46 25.70 -10.77
CA SER A 223 -5.33 26.21 -9.40
C SER A 223 -6.53 27.09 -9.00
N MET A 224 -6.65 27.24 -7.69
CA MET A 224 -7.67 28.06 -7.05
C MET A 224 -7.04 29.41 -6.71
N ALA A 225 -7.83 30.46 -6.89
CA ALA A 225 -7.34 31.83 -6.58
C ALA A 225 -8.28 32.58 -5.66
N PHE A 226 -7.69 33.10 -4.59
CA PHE A 226 -8.41 33.90 -3.58
C PHE A 226 -8.00 35.37 -3.69
N ARG A 227 -8.88 36.18 -3.14
CA ARG A 227 -8.70 37.64 -3.11
C ARG A 227 -9.82 38.28 -2.28
N ILE A 228 -9.53 39.47 -1.80
CA ILE A 228 -10.48 40.28 -1.01
C ILE A 228 -11.10 41.34 -1.92
N VAL A 229 -12.41 41.28 -1.99
CA VAL A 229 -13.22 42.17 -2.85
C VAL A 229 -13.10 43.64 -2.41
N ASN A 230 -13.17 43.83 -1.10
CA ASN A 230 -13.11 45.16 -0.48
C ASN A 230 -11.84 45.91 -0.86
N GLU A 231 -12.01 47.21 -0.97
CA GLU A 231 -10.89 48.12 -1.21
C GLU A 231 -10.12 48.17 0.11
N HIS A 232 -9.15 49.05 0.18
CA HIS A 232 -8.31 49.15 1.37
C HIS A 232 -8.79 50.25 2.32
N ASP A 233 -8.74 49.89 3.59
CA ASP A 233 -9.02 50.81 4.68
C ASP A 233 -7.69 51.45 5.05
N GLU A 234 -7.69 52.24 6.09
CA GLU A 234 -6.45 52.88 6.55
C GLU A 234 -5.55 51.82 7.08
N HIS A 235 -5.93 50.80 7.82
CA HIS A 235 -4.88 49.83 8.29
C HIS A 235 -4.79 48.68 7.31
N LYS A 236 -3.96 47.73 7.65
CA LYS A 236 -3.75 46.56 6.75
C LYS A 236 -4.42 45.39 7.40
N THR A 237 -4.89 44.41 6.68
CA THR A 237 -5.60 43.29 7.33
C THR A 237 -5.05 42.00 6.69
N LEU A 238 -4.64 41.10 7.53
CA LEU A 238 -4.14 39.80 7.03
C LEU A 238 -5.29 38.82 7.09
N VAL A 239 -5.52 38.16 5.97
CA VAL A 239 -6.63 37.14 5.94
C VAL A 239 -5.93 35.84 5.62
N LYS A 240 -6.19 34.83 6.40
CA LYS A 240 -5.46 33.53 6.21
C LYS A 240 -6.57 32.53 5.84
N ILE A 241 -6.38 31.88 4.70
CA ILE A 241 -7.35 30.90 4.16
C ILE A 241 -6.94 29.48 4.45
N ARG A 242 -7.90 28.73 5.02
CA ARG A 242 -7.71 27.27 5.25
C ARG A 242 -8.75 26.47 4.42
N VAL A 243 -8.28 25.63 3.52
CA VAL A 243 -9.14 24.80 2.70
C VAL A 243 -9.26 23.42 3.29
N TYR A 244 -10.43 22.92 3.58
CA TYR A 244 -10.66 21.55 4.09
C TYR A 244 -11.24 20.68 2.99
N HIS A 245 -10.89 19.43 2.88
CA HIS A 245 -11.43 18.57 1.82
C HIS A 245 -12.00 17.29 2.40
N ARG A 246 -13.19 16.90 2.03
CA ARG A 246 -13.88 15.67 2.47
C ARG A 246 -14.23 14.85 1.23
N ALA A 247 -13.81 13.65 1.16
CA ALA A 247 -14.17 12.77 0.05
C ALA A 247 -15.58 12.22 0.31
N LYS A 248 -16.43 12.24 -0.71
CA LYS A 248 -17.78 11.60 -0.59
C LYS A 248 -17.93 10.76 -1.85
N HIS A 249 -18.55 9.59 -1.66
CA HIS A 249 -18.76 8.59 -2.74
C HIS A 249 -17.46 7.96 -3.12
N VAL A 250 -16.71 7.44 -2.17
CA VAL A 250 -15.37 6.93 -2.36
C VAL A 250 -15.21 5.60 -3.02
N GLU A 251 -14.26 5.43 -3.84
CA GLU A 251 -14.04 4.04 -4.45
C GLU A 251 -12.54 3.87 -4.49
N ALA A 252 -11.95 2.82 -3.96
CA ALA A 252 -10.48 2.74 -3.88
C ALA A 252 -9.99 1.44 -4.41
N TRP A 253 -8.96 1.30 -5.18
CA TRP A 253 -8.48 0.00 -5.68
C TRP A 253 -7.03 -0.21 -5.32
N ILE A 254 -6.63 -1.44 -5.18
CA ILE A 254 -5.30 -1.95 -4.96
C ILE A 254 -4.57 -1.43 -3.78
N PRO A 255 -4.71 -2.05 -2.60
CA PRO A 255 -4.04 -1.58 -1.34
C PRO A 255 -2.55 -1.64 -1.47
N ARG A 256 -1.80 -0.80 -0.82
CA ARG A 256 -0.31 -0.84 -0.87
C ARG A 256 0.25 -0.74 0.52
N ALA A 257 1.50 -0.93 0.70
CA ALA A 257 2.22 -0.82 2.00
C ALA A 257 2.13 0.60 2.52
N PRO A 258 1.91 0.87 3.81
CA PRO A 258 1.74 2.25 4.30
C PRO A 258 3.02 3.01 4.18
N ARG A 259 3.01 4.33 4.15
CA ARG A 259 4.19 5.15 4.10
C ARG A 259 5.04 5.06 5.36
N ALA A 260 6.30 4.74 5.28
CA ALA A 260 7.13 4.60 6.46
C ALA A 260 7.98 5.83 6.64
N LEU A 261 8.72 6.30 5.63
CA LEU A 261 9.61 7.48 5.80
C LEU A 261 8.81 8.75 5.57
N PRO A 262 9.40 9.87 5.95
CA PRO A 262 8.80 11.19 5.82
C PRO A 262 8.75 11.53 4.35
N TYR A 263 7.92 12.50 4.03
CA TYR A 263 7.70 12.99 2.67
C TYR A 263 8.60 14.23 2.43
N THR A 264 8.95 14.49 1.20
CA THR A 264 9.81 15.62 0.88
C THR A 264 9.15 16.46 -0.15
N SER A 265 8.37 15.89 -1.03
CA SER A 265 7.80 16.65 -2.19
C SER A 265 6.40 16.33 -2.56
N ILE A 266 5.59 17.24 -3.09
CA ILE A 266 4.26 16.92 -3.62
C ILE A 266 4.52 16.05 -4.87
N GLY A 267 3.95 14.88 -4.83
CA GLY A 267 3.94 14.04 -6.03
C GLY A 267 5.12 13.18 -6.28
N ARG A 268 6.11 13.21 -5.41
CA ARG A 268 7.16 12.13 -5.68
C ARG A 268 7.23 11.36 -4.40
N THR A 269 7.70 10.16 -4.51
CA THR A 269 7.80 9.18 -3.44
C THR A 269 9.02 9.32 -2.57
N ASN A 270 9.94 10.20 -3.04
CA ASN A 270 11.18 10.50 -2.44
C ASN A 270 11.07 10.78 -0.88
N TYR A 271 12.02 10.23 -0.23
CA TYR A 271 12.25 10.37 1.20
C TYR A 271 13.60 11.08 1.40
N PRO A 272 13.77 11.71 2.55
CA PRO A 272 14.97 12.44 2.87
C PRO A 272 16.18 11.62 3.15
N LYS A 273 17.41 12.09 2.81
CA LYS A 273 18.65 11.30 3.08
C LYS A 273 19.06 11.30 4.51
N ASN A 274 19.75 10.27 4.91
CA ASN A 274 20.10 10.26 6.41
C ASN A 274 18.70 10.73 7.04
N THR A 275 17.93 9.68 7.02
CA THR A 275 16.57 9.74 7.66
C THR A 275 16.75 9.00 8.94
N GLU A 276 15.85 8.70 9.83
CA GLU A 276 16.30 7.82 11.02
C GLU A 276 15.68 6.48 10.94
N PRO A 277 16.26 5.54 11.62
CA PRO A 277 15.65 4.13 11.58
C PRO A 277 14.19 4.32 12.01
N VAL A 278 13.33 3.68 11.24
CA VAL A 278 11.88 3.78 11.47
C VAL A 278 11.47 2.61 12.31
N ILE A 279 12.20 1.54 12.42
CA ILE A 279 11.76 0.43 13.32
C ILE A 279 12.36 0.63 14.69
N LYS A 280 11.68 0.76 15.76
CA LYS A 280 12.17 0.95 17.15
C LYS A 280 13.11 -0.17 17.58
N LYS A 281 14.28 0.14 17.97
CA LYS A 281 15.23 -0.87 18.46
C LYS A 281 14.83 -1.34 19.85
N ARG A 282 14.95 -2.65 20.06
CA ARG A 282 14.67 -3.20 21.37
C ARG A 282 15.56 -2.64 22.45
N LYS A 283 14.92 -2.55 23.60
CA LYS A 283 15.92 -2.14 24.79
C LYS A 283 16.18 -3.49 25.39
N GLY A 284 17.05 -4.29 24.89
CA GLY A 284 17.24 -5.66 25.43
C GLY A 284 17.40 -6.59 24.24
N ASP A 285 17.44 -7.85 24.41
CA ASP A 285 17.41 -8.90 23.57
C ASP A 285 16.29 -9.16 22.64
N ILE A 286 16.59 -10.20 21.75
CA ILE A 286 15.38 -10.65 20.96
C ILE A 286 14.40 -11.27 22.03
N LYS A 287 15.05 -11.88 23.04
CA LYS A 287 14.33 -12.58 24.07
C LYS A 287 13.57 -11.67 25.00
N SER A 288 13.82 -10.39 25.01
CA SER A 288 13.15 -9.44 25.95
C SER A 288 11.69 -9.30 25.95
N TYR A 289 10.99 -8.96 26.99
CA TYR A 289 9.50 -8.76 26.84
C TYR A 289 9.17 -7.29 26.61
N GLY B 8 -3.08 -38.02 -8.43
CA GLY B 8 -1.54 -37.92 -8.25
C GLY B 8 -1.17 -36.47 -8.68
N TYR B 9 -2.24 -35.68 -8.84
CA TYR B 9 -1.89 -34.24 -9.21
C TYR B 9 -1.37 -33.66 -7.95
N SER B 10 -0.30 -32.90 -8.03
CA SER B 10 0.20 -32.25 -6.77
C SER B 10 0.11 -30.77 -7.08
N ASP B 11 0.04 -29.94 -6.15
CA ASP B 11 0.17 -28.53 -6.26
C ASP B 11 1.53 -28.11 -6.84
N ARG B 12 2.47 -29.00 -6.65
CA ARG B 12 3.84 -29.18 -6.86
C ARG B 12 4.33 -29.31 -8.28
N VAL B 13 3.75 -30.10 -9.13
CA VAL B 13 4.14 -30.20 -10.53
C VAL B 13 3.22 -29.41 -11.42
N GLN B 14 3.65 -28.73 -12.41
CA GLN B 14 2.81 -27.92 -13.27
C GLN B 14 3.39 -27.78 -14.64
N GLN B 15 2.52 -27.50 -15.58
CA GLN B 15 2.92 -27.27 -16.96
C GLN B 15 2.17 -26.03 -17.44
N ILE B 16 2.83 -25.05 -17.99
CA ILE B 16 2.13 -23.90 -18.61
C ILE B 16 2.49 -23.86 -20.07
N THR B 17 1.63 -24.01 -21.00
CA THR B 17 1.95 -23.97 -22.42
C THR B 17 1.32 -22.68 -22.96
N LEU B 18 2.10 -21.91 -23.57
CA LEU B 18 1.56 -20.56 -24.04
C LEU B 18 2.32 -20.30 -25.32
N GLY B 19 1.58 -20.36 -26.37
CA GLY B 19 2.06 -20.16 -27.71
C GLY B 19 2.81 -21.44 -28.10
N ASN B 20 4.02 -21.23 -28.35
CA ASN B 20 4.94 -22.27 -28.95
C ASN B 20 5.97 -22.61 -27.94
N SER B 21 5.68 -22.22 -26.67
CA SER B 21 6.59 -22.46 -25.57
C SER B 21 5.96 -23.06 -24.32
N THR B 22 6.59 -24.00 -23.68
CA THR B 22 6.11 -24.67 -22.52
C THR B 22 7.13 -24.70 -21.39
N ILE B 23 6.68 -24.57 -20.19
CA ILE B 23 7.42 -24.62 -18.93
C ILE B 23 6.96 -25.74 -18.04
N THR B 24 7.79 -26.52 -17.46
CA THR B 24 7.36 -27.57 -16.55
C THR B 24 8.09 -27.28 -15.24
N THR B 25 7.44 -27.35 -14.13
CA THR B 25 8.04 -27.29 -12.83
C THR B 25 7.58 -28.53 -12.05
N GLN B 26 8.54 -29.12 -11.38
CA GLN B 26 8.26 -30.32 -10.56
C GLN B 26 8.30 -29.94 -9.10
N GLU B 27 8.43 -28.67 -8.78
CA GLU B 27 8.49 -28.21 -7.40
C GLU B 27 7.93 -26.85 -7.15
N ALA B 28 6.72 -26.62 -7.54
CA ALA B 28 5.96 -25.43 -7.48
C ALA B 28 5.32 -25.28 -6.10
N ALA B 29 4.74 -24.16 -5.74
CA ALA B 29 3.99 -23.90 -4.55
C ALA B 29 2.75 -23.10 -5.00
N ASN B 30 1.92 -23.87 -5.68
CA ASN B 30 0.62 -23.26 -6.24
C ASN B 30 1.00 -22.10 -7.16
N ALA B 31 0.22 -21.14 -7.45
CA ALA B 31 0.51 -20.00 -8.33
C ALA B 31 -0.46 -18.90 -7.88
N VAL B 32 -0.07 -17.71 -8.05
CA VAL B 32 -0.91 -16.59 -7.59
C VAL B 32 -1.50 -15.95 -8.84
N VAL B 33 -2.74 -15.55 -8.68
CA VAL B 33 -3.39 -14.79 -9.78
C VAL B 33 -3.78 -13.45 -9.17
N CYS B 34 -3.04 -12.41 -9.51
CA CYS B 34 -3.25 -11.12 -8.87
C CYS B 34 -4.69 -10.74 -8.67
N TYR B 35 -5.06 -10.45 -7.42
CA TYR B 35 -6.39 -9.90 -7.12
C TYR B 35 -7.43 -10.87 -7.59
N ALA B 36 -6.99 -12.10 -7.69
CA ALA B 36 -7.92 -13.18 -8.10
C ALA B 36 -8.54 -12.92 -9.44
N GLU B 37 -7.97 -12.25 -10.37
CA GLU B 37 -8.45 -12.05 -11.70
C GLU B 37 -7.49 -12.46 -12.77
N TRP B 38 -7.95 -13.10 -13.75
CA TRP B 38 -7.12 -13.68 -14.87
C TRP B 38 -7.09 -12.79 -16.01
N PRO B 39 -6.04 -12.65 -16.76
CA PRO B 39 -5.97 -11.57 -17.84
C PRO B 39 -7.13 -11.73 -18.79
N GLU B 40 -7.82 -10.78 -19.30
CA GLU B 40 -8.85 -10.84 -20.32
C GLU B 40 -8.77 -9.67 -21.31
N TYR B 41 -9.30 -9.74 -22.51
CA TYR B 41 -9.21 -8.60 -23.44
C TYR B 41 -10.15 -7.48 -22.98
N LEU B 42 -9.97 -6.37 -23.76
CA LEU B 42 -10.68 -5.15 -23.39
C LEU B 42 -12.08 -5.16 -23.95
N PRO B 43 -13.06 -5.19 -23.10
CA PRO B 43 -14.46 -5.17 -23.49
C PRO B 43 -14.89 -3.87 -24.11
N ASP B 44 -15.90 -3.87 -24.97
CA ASP B 44 -16.36 -2.66 -25.65
C ASP B 44 -16.93 -1.63 -24.67
N VAL B 45 -17.56 -2.17 -23.68
CA VAL B 45 -18.28 -1.26 -22.72
C VAL B 45 -17.20 -0.40 -22.04
N ASP B 46 -15.99 -0.88 -21.97
CA ASP B 46 -14.87 -0.16 -21.37
C ASP B 46 -13.97 0.61 -22.35
N ALA B 47 -14.15 0.42 -23.60
CA ALA B 47 -13.41 1.01 -24.69
C ALA B 47 -13.67 2.48 -24.88
N SER B 48 -12.68 3.20 -25.38
CA SER B 48 -12.76 4.59 -25.70
C SER B 48 -12.20 4.87 -27.11
N ASP B 49 -10.96 4.55 -27.33
CA ASP B 49 -10.35 4.71 -28.69
C ASP B 49 -11.21 3.95 -29.70
N VAL B 50 -11.53 4.51 -30.88
CA VAL B 50 -12.45 3.83 -31.77
C VAL B 50 -11.74 2.85 -32.65
N ASN B 51 -10.45 2.75 -32.54
CA ASN B 51 -9.68 1.89 -33.47
C ASN B 51 -9.86 0.42 -33.21
N LYS B 52 -9.99 -0.35 -34.21
CA LYS B 52 -10.07 -1.89 -34.02
C LYS B 52 -8.76 -2.30 -33.45
N THR B 53 -8.51 -3.14 -32.50
CA THR B 53 -7.12 -3.42 -32.03
C THR B 53 -6.49 -4.59 -32.71
N SER B 54 -5.21 -4.87 -32.53
CA SER B 54 -4.53 -5.99 -33.28
C SER B 54 -4.18 -7.03 -32.26
N LYS B 55 -4.45 -8.28 -32.53
CA LYS B 55 -4.18 -9.27 -31.39
C LYS B 55 -3.30 -10.33 -31.98
N PRO B 56 -2.01 -10.13 -31.96
CA PRO B 56 -1.05 -11.01 -32.61
C PRO B 56 -1.14 -12.40 -32.03
N ASP B 57 -1.82 -12.57 -30.89
CA ASP B 57 -1.97 -13.91 -30.38
C ASP B 57 -0.63 -14.62 -30.13
N THR B 58 -0.50 -15.81 -30.71
CA THR B 58 0.60 -16.71 -30.39
C THR B 58 1.95 -16.17 -30.72
N SER B 59 2.10 -15.16 -31.49
CA SER B 59 3.44 -14.65 -31.84
C SER B 59 3.92 -13.72 -30.77
N VAL B 60 3.10 -13.14 -29.94
CA VAL B 60 3.47 -12.30 -28.84
C VAL B 60 3.14 -13.01 -27.56
N CYS B 61 2.22 -13.95 -27.53
CA CYS B 61 1.86 -14.53 -26.18
C CYS B 61 2.58 -15.79 -25.93
N ARG B 62 3.87 -15.78 -25.86
CA ARG B 62 4.73 -16.96 -25.64
C ARG B 62 5.67 -16.57 -24.53
N PHE B 63 6.59 -17.46 -24.15
CA PHE B 63 7.46 -17.18 -22.95
C PHE B 63 8.79 -16.64 -23.34
N TYR B 64 9.16 -15.45 -22.94
CA TYR B 64 10.55 -14.92 -23.15
C TYR B 64 11.37 -15.11 -21.87
N THR B 65 12.52 -15.78 -21.96
CA THR B 65 13.39 -15.91 -20.75
C THR B 65 14.42 -14.82 -20.75
N LEU B 66 14.34 -13.83 -19.91
CA LEU B 66 15.36 -12.83 -19.67
C LEU B 66 16.70 -13.47 -19.23
N ASP B 67 17.74 -12.67 -19.46
CA ASP B 67 19.07 -13.12 -19.00
C ASP B 67 19.20 -13.40 -17.55
N SER B 68 20.01 -14.38 -17.17
CA SER B 68 20.01 -14.82 -15.74
C SER B 68 20.64 -14.05 -14.69
N LYS B 69 20.28 -13.95 -13.48
CA LYS B 69 20.97 -13.22 -12.38
C LYS B 69 21.73 -14.24 -11.50
N THR B 70 22.63 -13.73 -10.66
CA THR B 70 23.39 -14.57 -9.76
C THR B 70 23.25 -14.18 -8.30
N TRP B 71 22.62 -15.06 -7.58
CA TRP B 71 22.31 -14.80 -6.15
C TRP B 71 23.59 -15.23 -5.44
N THR B 72 24.04 -14.30 -4.71
CA THR B 72 25.21 -14.54 -3.86
C THR B 72 24.84 -13.91 -2.49
N THR B 73 25.74 -14.30 -1.62
CA THR B 73 25.50 -13.93 -0.23
C THR B 73 25.43 -12.48 -0.06
N GLY B 74 25.96 -11.73 -1.00
CA GLY B 74 25.80 -10.28 -0.82
C GLY B 74 24.67 -9.65 -1.54
N SER B 75 23.84 -10.40 -2.22
CA SER B 75 22.79 -9.81 -3.14
C SER B 75 21.80 -8.99 -2.42
N LYS B 76 21.33 -7.88 -2.92
CA LYS B 76 20.28 -7.13 -2.24
C LYS B 76 18.94 -7.38 -2.92
N GLY B 77 18.86 -7.61 -4.18
CA GLY B 77 17.51 -7.93 -4.81
C GLY B 77 17.51 -7.34 -6.19
N TRP B 78 16.61 -7.62 -7.09
CA TRP B 78 16.61 -7.04 -8.47
C TRP B 78 15.21 -6.56 -8.79
N CYS B 79 15.05 -5.67 -9.70
CA CYS B 79 13.75 -5.12 -10.03
C CYS B 79 13.63 -4.96 -11.53
N TRP B 80 12.58 -5.47 -12.14
CA TRP B 80 12.29 -5.32 -13.57
C TRP B 80 10.95 -4.57 -13.70
N LYS B 81 10.80 -3.85 -14.75
CA LYS B 81 9.50 -3.14 -14.99
C LYS B 81 8.85 -3.76 -16.22
N LEU B 82 7.52 -3.80 -16.30
CA LEU B 82 6.75 -4.33 -17.46
C LEU B 82 5.88 -3.21 -18.03
N PRO B 83 5.74 -3.06 -19.34
CA PRO B 83 6.32 -3.93 -20.34
C PRO B 83 7.76 -3.74 -20.68
N ASP B 84 8.51 -2.89 -20.04
CA ASP B 84 9.91 -2.59 -20.38
C ASP B 84 10.80 -3.83 -20.59
N ALA B 85 10.92 -4.65 -19.57
CA ALA B 85 11.70 -5.84 -19.64
C ALA B 85 11.50 -6.51 -20.97
N LEU B 86 10.37 -6.43 -21.59
CA LEU B 86 10.18 -7.17 -22.85
C LEU B 86 10.35 -6.28 -24.06
N LYS B 87 10.72 -5.07 -24.02
CA LYS B 87 10.81 -4.06 -25.08
C LYS B 87 11.58 -4.54 -26.27
N ASP B 88 12.39 -5.53 -26.15
CA ASP B 88 13.15 -6.12 -27.20
C ASP B 88 12.90 -7.56 -27.49
N MET B 89 11.86 -8.19 -26.97
CA MET B 89 11.64 -9.60 -27.23
C MET B 89 10.77 -9.77 -28.46
N GLY B 90 11.38 -10.31 -29.46
CA GLY B 90 10.70 -10.81 -30.68
C GLY B 90 9.69 -9.84 -31.20
N VAL B 91 8.56 -10.36 -31.66
CA VAL B 91 7.52 -9.48 -32.22
C VAL B 91 6.75 -8.73 -31.15
N PHE B 92 6.88 -9.11 -29.88
CA PHE B 92 6.17 -8.40 -28.79
C PHE B 92 6.70 -6.96 -28.85
N GLY B 93 8.01 -6.89 -28.74
CA GLY B 93 8.70 -5.63 -28.80
C GLY B 93 8.44 -4.83 -30.03
N GLN B 94 8.35 -5.38 -31.19
CA GLN B 94 8.18 -4.56 -32.41
C GLN B 94 6.83 -3.83 -32.31
N ASN B 95 5.83 -4.62 -31.98
CA ASN B 95 4.43 -4.19 -31.87
C ASN B 95 4.38 -3.00 -30.92
N MET B 96 5.13 -3.15 -29.84
CA MET B 96 5.25 -2.17 -28.79
C MET B 96 5.70 -0.85 -29.31
N PHE B 97 6.77 -0.78 -30.10
CA PHE B 97 7.30 0.48 -30.63
C PHE B 97 6.51 1.06 -31.76
N PHE B 98 5.81 0.23 -32.49
CA PHE B 98 5.01 0.55 -33.62
C PHE B 98 3.60 0.94 -33.27
N HIS B 99 2.92 0.58 -32.21
CA HIS B 99 1.56 1.14 -32.00
C HIS B 99 1.59 2.24 -30.96
N SER B 100 0.72 3.15 -31.07
CA SER B 100 0.44 4.22 -30.16
C SER B 100 -0.02 3.74 -28.80
N LEU B 101 -0.74 2.68 -28.70
CA LEU B 101 -1.31 2.16 -27.45
C LEU B 101 -1.25 0.68 -27.39
N GLY B 102 -1.23 0.06 -26.27
CA GLY B 102 -1.18 -1.49 -26.33
C GLY B 102 -1.67 -1.85 -24.92
N ARG B 103 -1.90 -3.09 -24.69
CA ARG B 103 -2.40 -3.50 -23.31
C ARG B 103 -2.03 -4.95 -23.15
N SER B 104 -1.70 -5.40 -21.92
CA SER B 104 -1.31 -6.82 -21.80
C SER B 104 -1.35 -7.35 -20.40
N GLY B 105 -1.49 -8.61 -20.17
CA GLY B 105 -1.40 -9.25 -18.85
C GLY B 105 -0.14 -10.13 -18.98
N TYR B 106 0.33 -10.82 -17.96
CA TYR B 106 1.52 -11.65 -18.14
C TYR B 106 1.46 -12.87 -17.25
N THR B 107 2.20 -13.91 -17.59
CA THR B 107 2.48 -15.00 -16.66
C THR B 107 3.98 -14.83 -16.30
N VAL B 108 4.36 -14.66 -15.09
CA VAL B 108 5.77 -14.50 -14.65
C VAL B 108 6.19 -15.80 -13.99
N HIS B 109 7.29 -16.37 -14.39
CA HIS B 109 7.72 -17.69 -13.74
C HIS B 109 9.11 -17.49 -13.23
N VAL B 110 9.43 -17.31 -11.99
CA VAL B 110 10.83 -17.11 -11.50
C VAL B 110 11.40 -18.44 -11.02
N GLN B 111 12.57 -18.80 -11.46
CA GLN B 111 13.21 -20.09 -11.22
C GLN B 111 14.52 -20.05 -10.42
N CYS B 112 14.62 -20.89 -9.40
CA CYS B 112 15.88 -20.98 -8.67
C CYS B 112 16.01 -22.32 -7.97
N ASN B 113 16.79 -23.24 -8.46
CA ASN B 113 16.87 -24.57 -7.78
C ASN B 113 18.21 -24.73 -7.05
N ALA B 114 18.28 -25.54 -6.04
CA ALA B 114 19.47 -25.69 -5.19
C ALA B 114 19.56 -27.14 -4.75
N THR B 115 19.81 -27.47 -3.52
CA THR B 115 19.75 -28.92 -3.11
C THR B 115 19.17 -28.94 -1.70
N LYS B 116 18.97 -30.14 -1.13
CA LYS B 116 18.37 -30.16 0.24
C LYS B 116 19.37 -29.77 1.32
N PHE B 117 20.52 -29.24 0.96
CA PHE B 117 21.48 -28.80 2.01
C PHE B 117 21.52 -27.26 1.98
N HIS B 118 21.05 -26.66 0.87
CA HIS B 118 21.04 -25.16 0.83
C HIS B 118 19.90 -24.59 1.65
N SER B 119 19.91 -23.34 1.99
CA SER B 119 18.88 -22.57 2.68
C SER B 119 18.90 -21.19 1.95
N GLY B 120 17.85 -20.50 2.12
CA GLY B 120 17.76 -19.13 1.44
C GLY B 120 16.26 -19.01 1.09
N CYS B 121 15.76 -17.83 0.98
CA CYS B 121 14.36 -17.65 0.65
C CYS B 121 14.16 -16.36 -0.11
N LEU B 122 13.65 -16.30 -1.31
CA LEU B 122 13.49 -15.05 -2.09
C LEU B 122 12.03 -14.59 -1.98
N LEU B 123 11.70 -13.36 -2.00
CA LEU B 123 10.28 -12.88 -2.08
C LEU B 123 10.06 -12.53 -3.55
N VAL B 124 9.10 -12.97 -4.23
CA VAL B 124 8.81 -12.61 -5.63
C VAL B 124 7.55 -11.79 -5.62
N VAL B 125 7.52 -10.51 -5.89
CA VAL B 125 6.30 -9.71 -5.70
C VAL B 125 6.02 -8.85 -6.89
N VAL B 126 4.77 -8.58 -7.18
CA VAL B 126 4.41 -7.70 -8.32
C VAL B 126 3.80 -6.45 -7.78
N ILE B 127 4.32 -5.28 -8.03
CA ILE B 127 3.75 -4.03 -7.47
C ILE B 127 3.09 -3.17 -8.53
N PRO B 128 1.76 -3.02 -8.52
CA PRO B 128 1.11 -2.19 -9.55
C PRO B 128 1.51 -0.77 -9.25
N GLU B 129 1.84 0.00 -10.27
CA GLU B 129 2.29 1.36 -10.24
C GLU B 129 3.39 1.68 -9.30
N HIS B 130 4.50 1.04 -9.32
CA HIS B 130 5.66 1.25 -8.48
C HIS B 130 6.45 2.51 -8.80
N GLN B 131 6.02 3.66 -8.39
CA GLN B 131 6.69 4.96 -8.65
C GLN B 131 7.92 4.99 -7.76
N LEU B 132 9.11 5.04 -8.30
CA LEU B 132 10.39 4.97 -7.54
C LEU B 132 10.72 6.31 -6.91
N ALA B 133 11.63 6.35 -5.99
CA ALA B 133 12.07 7.62 -5.33
C ALA B 133 13.46 7.97 -5.79
N SER B 134 13.76 9.26 -5.85
CA SER B 134 15.14 9.71 -6.21
C SER B 134 15.97 9.55 -4.95
N HIS B 135 17.16 9.05 -4.99
CA HIS B 135 18.00 9.02 -3.75
C HIS B 135 18.42 10.42 -3.37
N GLU B 136 18.37 11.41 -4.22
CA GLU B 136 18.67 12.77 -3.86
C GLU B 136 17.74 13.38 -2.83
N GLY B 137 16.55 12.92 -2.68
CA GLY B 137 15.56 13.53 -1.75
C GLY B 137 14.86 14.70 -2.42
N GLY B 138 14.32 15.57 -1.63
CA GLY B 138 13.67 16.79 -2.17
C GLY B 138 12.70 16.50 -3.24
N ASN B 139 12.84 17.04 -4.41
CA ASN B 139 11.87 16.72 -5.52
C ASN B 139 12.69 16.45 -6.76
N VAL B 140 13.84 15.84 -6.54
CA VAL B 140 14.71 15.43 -7.69
C VAL B 140 13.91 14.38 -8.44
N SER B 141 13.93 14.39 -9.76
CA SER B 141 13.13 13.33 -10.49
C SER B 141 14.01 12.13 -10.77
N VAL B 142 13.51 11.06 -11.29
CA VAL B 142 14.26 9.88 -11.65
C VAL B 142 14.19 9.84 -13.19
N LYS B 143 15.27 10.08 -13.87
CA LYS B 143 15.24 10.14 -15.32
C LYS B 143 14.81 8.75 -15.90
N TYR B 144 14.18 8.91 -17.05
CA TYR B 144 13.59 7.95 -17.94
C TYR B 144 14.44 6.70 -18.09
N THR B 145 15.57 6.93 -18.65
CA THR B 145 16.53 5.80 -18.77
C THR B 145 16.63 5.04 -17.48
N PHE B 146 16.72 5.68 -16.38
CA PHE B 146 16.83 4.92 -15.12
C PHE B 146 15.68 4.05 -14.79
N THR B 147 14.49 4.32 -15.22
CA THR B 147 13.33 3.53 -14.92
C THR B 147 12.99 2.70 -16.15
N HIS B 148 13.86 2.56 -17.07
CA HIS B 148 13.64 1.73 -18.25
C HIS B 148 14.86 0.88 -18.53
N PRO B 149 15.35 0.16 -17.53
CA PRO B 149 16.50 -0.67 -17.65
C PRO B 149 16.38 -1.74 -18.66
N GLY B 150 15.22 -2.06 -19.16
CA GLY B 150 15.17 -3.14 -20.21
C GLY B 150 15.38 -4.46 -19.48
N GLU B 151 15.83 -5.42 -20.24
CA GLU B 151 15.86 -6.84 -19.76
C GLU B 151 16.82 -6.92 -18.63
N ARG B 152 17.75 -6.03 -18.53
CA ARG B 152 18.76 -6.02 -17.46
C ARG B 152 18.14 -5.79 -16.10
N GLY B 153 17.09 -5.00 -16.06
CA GLY B 153 16.38 -4.69 -14.80
C GLY B 153 17.30 -3.81 -13.98
N ILE B 154 16.98 -3.48 -12.81
CA ILE B 154 17.68 -2.66 -11.87
C ILE B 154 18.31 -3.55 -10.81
N ASP B 155 19.54 -3.37 -10.41
CA ASP B 155 20.21 -4.21 -9.44
C ASP B 155 20.38 -3.34 -8.19
N LEU B 156 19.57 -3.72 -7.25
CA LEU B 156 19.50 -3.04 -5.97
C LEU B 156 20.79 -3.07 -5.22
N SER B 157 21.81 -3.67 -5.72
CA SER B 157 23.08 -3.65 -4.92
C SER B 157 24.11 -2.90 -5.75
N SER B 158 23.65 -2.32 -6.83
CA SER B 158 24.49 -1.45 -7.66
C SER B 158 24.57 -0.10 -6.95
N ALA B 159 25.42 0.78 -7.39
CA ALA B 159 25.57 2.10 -6.70
C ALA B 159 24.58 3.16 -7.10
N ASN B 160 24.32 4.11 -6.18
CA ASN B 160 23.44 5.24 -6.60
C ASN B 160 24.04 5.83 -7.86
N GLU B 161 23.22 6.23 -8.79
CA GLU B 161 23.77 6.95 -10.00
C GLU B 161 22.98 8.25 -10.09
N VAL B 162 23.31 9.08 -11.05
CA VAL B 162 22.70 10.48 -10.93
C VAL B 162 21.51 10.48 -11.81
N GLY B 163 20.36 10.71 -11.21
CA GLY B 163 19.14 10.76 -12.07
C GLY B 163 18.45 9.41 -12.02
N GLY B 164 19.13 8.54 -11.29
CA GLY B 164 18.59 7.18 -11.06
C GLY B 164 17.77 7.21 -9.75
N PRO B 165 17.10 6.07 -9.48
CA PRO B 165 16.32 5.87 -8.26
C PRO B 165 17.21 5.48 -7.10
N VAL B 166 16.67 5.50 -5.92
CA VAL B 166 17.38 5.04 -4.68
C VAL B 166 17.36 3.51 -4.70
N LYS B 167 18.31 2.80 -4.11
CA LYS B 167 18.24 1.30 -4.26
C LYS B 167 18.24 0.60 -2.94
N ASP B 168 17.83 1.28 -1.92
CA ASP B 168 17.75 0.83 -0.53
C ASP B 168 16.72 -0.23 -0.36
N VAL B 169 16.89 -1.47 -0.16
CA VAL B 169 15.88 -2.47 0.02
C VAL B 169 14.94 -2.31 1.23
N VAL B 170 15.16 -2.12 2.30
CA VAL B 170 14.16 -2.10 3.38
C VAL B 170 13.14 -0.95 3.19
N TYR B 171 13.39 -0.14 2.11
CA TYR B 171 12.34 0.83 1.76
C TYR B 171 11.66 0.65 0.44
N ASN B 172 11.71 -0.49 -0.26
CA ASN B 172 11.01 -0.76 -1.48
C ASN B 172 11.28 0.29 -2.55
N MET B 173 12.34 1.05 -2.48
CA MET B 173 12.59 2.08 -3.50
C MET B 173 11.50 3.17 -3.48
N ASN B 174 10.76 3.29 -2.38
CA ASN B 174 9.75 4.34 -2.31
C ASN B 174 9.33 4.79 -0.93
N GLY B 175 9.94 4.57 0.18
CA GLY B 175 9.46 5.12 1.41
C GLY B 175 8.48 4.21 2.09
N THR B 176 8.45 2.95 1.75
CA THR B 176 7.57 1.96 2.52
C THR B 176 8.41 0.83 3.00
N LEU B 177 8.03 0.07 3.98
CA LEU B 177 8.95 -0.98 4.51
C LEU B 177 8.86 -2.31 3.81
N LEU B 178 9.98 -2.98 3.57
CA LEU B 178 10.08 -4.28 2.92
C LEU B 178 9.06 -5.25 3.53
N GLY B 179 8.98 -5.34 4.80
CA GLY B 179 8.02 -6.16 5.49
C GLY B 179 6.63 -6.08 5.00
N ASN B 180 6.10 -5.02 4.46
CA ASN B 180 4.71 -4.88 4.03
C ASN B 180 4.48 -5.09 2.59
N LEU B 181 5.37 -5.58 1.86
CA LEU B 181 5.27 -5.81 0.41
C LEU B 181 4.33 -6.99 0.24
N LEU B 182 4.10 -7.68 1.32
CA LEU B 182 3.26 -8.88 1.32
C LEU B 182 1.83 -8.47 1.04
N ILE B 183 1.46 -7.17 1.18
CA ILE B 183 0.08 -6.82 0.75
C ILE B 183 -0.02 -6.93 -0.79
N PHE B 184 1.04 -6.97 -1.57
CA PHE B 184 0.98 -7.13 -3.03
C PHE B 184 1.01 -8.60 -3.42
N PRO B 185 0.37 -8.98 -4.54
CA PRO B 185 0.38 -10.42 -4.97
C PRO B 185 1.80 -10.89 -4.91
N HIS B 186 2.11 -11.93 -4.23
CA HIS B 186 3.54 -12.35 -4.19
C HIS B 186 3.61 -13.79 -3.84
N GLN B 187 4.81 -14.31 -3.94
CA GLN B 187 4.98 -15.84 -3.59
C GLN B 187 6.39 -15.95 -3.13
N PHE B 188 6.83 -16.84 -2.28
CA PHE B 188 8.22 -16.95 -1.77
C PHE B 188 8.87 -18.08 -2.53
N ILE B 189 10.15 -18.15 -2.66
CA ILE B 189 10.87 -19.33 -3.22
C ILE B 189 11.74 -19.77 -2.01
N ASN B 190 11.40 -20.74 -1.27
CA ASN B 190 12.22 -21.15 -0.03
C ASN B 190 12.90 -22.46 -0.48
N LEU B 191 14.21 -22.40 -0.64
CA LEU B 191 14.95 -23.53 -1.24
C LEU B 191 14.46 -24.82 -0.68
N ARG B 192 14.12 -24.83 0.58
CA ARG B 192 13.67 -26.06 1.23
C ARG B 192 12.31 -26.51 0.76
N THR B 193 11.48 -25.75 0.09
CA THR B 193 10.13 -26.05 -0.28
C THR B 193 9.88 -26.11 -1.76
N ASN B 194 9.94 -25.06 -2.39
CA ASN B 194 9.82 -24.37 -3.57
C ASN B 194 10.98 -24.28 -4.50
N ASN B 195 10.89 -24.18 -5.80
CA ASN B 195 12.07 -23.94 -6.69
C ASN B 195 11.63 -22.91 -7.73
N THR B 196 10.35 -22.67 -7.87
CA THR B 196 9.83 -21.63 -8.76
C THR B 196 8.73 -20.88 -8.03
N ALA B 197 8.33 -19.77 -8.60
CA ALA B 197 7.25 -18.84 -8.20
C ALA B 197 6.53 -18.51 -9.51
N THR B 198 5.23 -18.51 -9.56
CA THR B 198 4.48 -18.14 -10.77
C THR B 198 3.35 -17.20 -10.37
N ILE B 199 3.26 -16.08 -11.04
CA ILE B 199 2.21 -15.11 -10.77
C ILE B 199 1.53 -14.76 -12.07
N VAL B 200 0.23 -14.77 -12.17
CA VAL B 200 -0.51 -14.35 -13.41
C VAL B 200 -0.97 -12.94 -13.13
N ILE B 201 -0.65 -12.00 -13.99
CA ILE B 201 -0.98 -10.57 -13.82
C ILE B 201 -2.02 -10.13 -14.84
N PRO B 202 -3.19 -9.73 -14.36
CA PRO B 202 -4.23 -9.15 -15.19
C PRO B 202 -3.82 -7.73 -15.50
N TYR B 203 -4.28 -7.06 -16.46
CA TYR B 203 -3.94 -5.68 -16.80
C TYR B 203 -4.51 -4.72 -15.80
N ILE B 204 -3.79 -3.93 -15.05
CA ILE B 204 -4.35 -3.03 -14.01
C ILE B 204 -4.05 -1.60 -14.32
N ASN B 205 -4.95 -0.78 -14.67
CA ASN B 205 -4.69 0.64 -15.02
C ASN B 205 -5.95 1.44 -14.75
N SER B 206 -5.88 2.77 -14.77
CA SER B 206 -6.99 3.68 -14.54
C SER B 206 -7.54 4.16 -15.91
N VAL B 207 -6.94 3.70 -16.97
CA VAL B 207 -7.41 3.92 -18.33
C VAL B 207 -7.50 2.59 -19.05
N PRO B 208 -8.36 2.50 -20.07
CA PRO B 208 -8.58 1.20 -20.71
C PRO B 208 -7.42 0.63 -21.48
N ILE B 209 -6.55 1.43 -21.95
CA ILE B 209 -5.37 1.12 -22.76
C ILE B 209 -4.47 2.36 -22.60
N ASP B 210 -3.21 2.17 -22.71
CA ASP B 210 -2.25 3.24 -22.43
C ASP B 210 -1.08 3.18 -23.34
N SER B 211 -0.09 3.99 -23.14
CA SER B 211 1.14 3.93 -23.95
C SER B 211 2.06 2.90 -23.36
N MET B 212 2.73 2.09 -24.13
CA MET B 212 3.61 1.06 -23.52
C MET B 212 4.96 1.61 -23.24
N THR B 213 5.30 2.77 -23.73
CA THR B 213 6.67 3.27 -23.53
C THR B 213 6.65 4.31 -22.51
N ARG B 214 5.72 5.20 -22.34
CA ARG B 214 5.90 6.24 -21.29
C ARG B 214 5.42 5.76 -19.97
N HIS B 215 4.85 4.59 -19.87
CA HIS B 215 4.35 4.18 -18.50
C HIS B 215 4.48 2.69 -18.26
N ASN B 216 5.12 2.26 -17.22
CA ASN B 216 5.27 0.84 -16.91
C ASN B 216 4.16 0.58 -15.90
N ASN B 217 3.49 -0.55 -15.97
CA ASN B 217 2.36 -0.71 -15.06
C ASN B 217 2.65 -1.69 -13.99
N VAL B 218 3.72 -2.42 -13.94
CA VAL B 218 4.04 -3.26 -12.74
C VAL B 218 5.58 -3.33 -12.68
N SER B 219 6.05 -3.47 -11.48
CA SER B 219 7.53 -3.82 -11.38
C SER B 219 7.45 -5.24 -10.77
N LEU B 220 8.23 -6.11 -11.25
CA LEU B 220 8.38 -7.48 -10.69
C LEU B 220 9.60 -7.32 -9.79
N MET B 221 9.65 -7.79 -8.63
CA MET B 221 10.82 -7.61 -7.75
C MET B 221 11.21 -8.95 -7.17
N VAL B 222 12.44 -9.36 -7.24
CA VAL B 222 12.87 -10.65 -6.60
C VAL B 222 13.86 -10.18 -5.51
N ILE B 223 13.62 -10.44 -4.25
CA ILE B 223 14.48 -9.96 -3.13
C ILE B 223 14.92 -11.06 -2.23
N PRO B 224 16.21 -11.33 -2.08
CA PRO B 224 16.62 -12.39 -1.09
C PRO B 224 16.20 -11.89 0.28
N ILE B 225 15.59 -12.61 1.13
CA ILE B 225 15.19 -12.21 2.49
C ILE B 225 15.95 -13.10 3.48
N ALA B 226 15.88 -14.40 3.40
CA ALA B 226 16.75 -15.23 4.24
C ALA B 226 17.94 -15.47 3.24
N PRO B 227 19.08 -14.99 3.65
CA PRO B 227 20.33 -15.07 2.90
C PRO B 227 20.60 -16.47 2.38
N LEU B 228 21.30 -16.50 1.25
CA LEU B 228 21.64 -17.83 0.65
C LEU B 228 22.68 -18.48 1.53
N THR B 229 22.51 -19.70 1.87
CA THR B 229 23.55 -20.42 2.68
C THR B 229 23.90 -21.71 2.03
N VAL B 230 25.07 -21.83 1.39
CA VAL B 230 25.35 -23.12 0.70
C VAL B 230 26.03 -24.12 1.61
N PRO B 231 25.87 -25.39 1.24
CA PRO B 231 26.55 -26.47 2.00
C PRO B 231 28.03 -26.19 1.94
N THR B 232 28.74 -26.80 2.84
CA THR B 232 30.15 -26.66 3.04
C THR B 232 30.98 -26.98 1.81
N GLY B 233 31.81 -25.92 1.60
CA GLY B 233 32.66 -26.00 0.37
C GLY B 233 31.84 -26.12 -0.90
N ALA B 234 30.63 -25.61 -0.86
CA ALA B 234 29.83 -25.53 -2.11
C ALA B 234 30.22 -24.21 -2.71
N THR B 235 30.02 -24.03 -3.99
CA THR B 235 30.17 -22.69 -4.53
C THR B 235 29.12 -21.79 -3.85
N PRO B 236 29.56 -20.70 -3.48
CA PRO B 236 28.62 -19.78 -2.76
C PRO B 236 27.71 -19.05 -3.68
N SER B 237 27.12 -19.61 -4.69
CA SER B 237 26.06 -18.76 -5.39
C SER B 237 25.13 -19.64 -6.18
N LEU B 238 23.97 -19.14 -6.54
CA LEU B 238 22.95 -19.86 -7.40
C LEU B 238 22.49 -18.90 -8.45
N PRO B 239 22.18 -19.29 -9.65
CA PRO B 239 21.60 -18.32 -10.67
C PRO B 239 20.12 -18.23 -10.40
N ILE B 240 19.51 -17.15 -10.68
CA ILE B 240 18.01 -17.00 -10.61
C ILE B 240 17.57 -16.72 -12.06
N THR B 241 16.64 -17.36 -12.66
CA THR B 241 16.21 -16.99 -14.04
C THR B 241 14.81 -16.46 -14.07
N VAL B 242 14.50 -15.44 -14.81
CA VAL B 242 13.07 -14.95 -14.86
C VAL B 242 12.52 -15.22 -16.25
N THR B 243 11.46 -15.97 -16.46
CA THR B 243 10.83 -16.15 -17.83
C THR B 243 9.49 -15.49 -17.77
N ILE B 244 9.08 -14.65 -18.63
CA ILE B 244 7.80 -13.92 -18.65
C ILE B 244 7.07 -14.00 -19.98
N ALA B 245 5.75 -14.23 -19.96
CA ALA B 245 4.96 -14.31 -21.21
C ALA B 245 3.85 -13.34 -21.28
N PRO B 246 3.81 -12.44 -22.21
CA PRO B 246 2.63 -11.56 -22.40
C PRO B 246 1.44 -12.49 -22.65
N MET B 247 0.29 -12.02 -22.16
CA MET B 247 -0.97 -12.84 -22.37
C MET B 247 -2.11 -11.84 -22.52
N CYS B 248 -2.98 -12.23 -23.46
CA CYS B 248 -4.06 -11.45 -24.01
C CYS B 248 -3.56 -10.09 -24.53
N THR B 249 -2.50 -9.96 -25.19
CA THR B 249 -1.99 -8.68 -25.67
C THR B 249 -2.79 -8.10 -26.78
N GLU B 250 -3.00 -6.79 -26.74
CA GLU B 250 -3.73 -6.06 -27.83
C GLU B 250 -2.94 -4.75 -28.10
N PHE B 251 -2.82 -4.45 -29.36
CA PHE B 251 -2.11 -3.20 -29.74
C PHE B 251 -3.10 -2.39 -30.53
N SER B 252 -3.02 -1.11 -30.45
CA SER B 252 -3.92 -0.23 -31.21
C SER B 252 -3.25 1.07 -31.54
N GLY B 253 -3.69 1.67 -32.67
CA GLY B 253 -3.13 2.98 -33.13
C GLY B 253 -1.75 2.79 -33.72
N ILE B 254 -1.65 2.10 -34.84
CA ILE B 254 -0.45 1.77 -35.54
C ILE B 254 -0.02 2.97 -36.41
N ARG B 255 1.27 3.05 -36.55
CA ARG B 255 1.89 4.18 -37.27
C ARG B 255 3.38 4.01 -37.47
N SER B 256 4.05 5.10 -37.19
CA SER B 256 5.41 5.27 -37.57
C SER B 256 6.34 4.61 -36.65
N LYS B 257 6.20 4.33 -35.44
CA LYS B 257 7.38 3.67 -34.71
C LYS B 257 8.11 4.66 -33.80
N SER B 258 7.83 4.60 -32.51
CA SER B 258 8.28 5.48 -31.51
C SER B 258 9.82 5.46 -31.46
N ILE B 259 10.29 6.65 -31.10
CA ILE B 259 11.80 6.80 -30.85
C ILE B 259 11.97 7.16 -29.39
N VAL B 260 12.65 6.38 -28.59
CA VAL B 260 12.58 6.82 -27.12
C VAL B 260 13.98 7.12 -26.69
N PRO B 261 14.12 7.99 -25.69
CA PRO B 261 15.39 8.30 -25.16
C PRO B 261 16.25 7.05 -24.93
N GLN B 262 17.51 7.38 -25.27
CA GLN B 262 18.75 6.66 -25.09
C GLN B 262 18.78 5.39 -25.87
N GLY C 1 -43.77 33.38 4.47
CA GLY C 1 -42.67 33.11 5.57
C GLY C 1 -42.77 32.27 6.78
N LEU C 2 -42.26 31.00 6.84
CA LEU C 2 -42.41 30.07 7.96
C LEU C 2 -41.58 30.34 9.17
N PRO C 3 -42.10 30.49 10.39
CA PRO C 3 -41.32 30.85 11.59
C PRO C 3 -40.34 29.82 12.03
N THR C 4 -39.09 30.10 12.28
CA THR C 4 -38.02 29.23 12.71
C THR C 4 -37.35 29.79 13.96
N THR C 5 -36.56 28.97 14.61
CA THR C 5 -35.72 29.28 15.76
C THR C 5 -34.33 28.70 15.60
N THR C 6 -33.21 29.36 15.71
CA THR C 6 -31.94 28.54 15.43
C THR C 6 -31.39 28.01 16.68
N LEU C 7 -30.81 26.81 16.67
CA LEU C 7 -30.31 26.20 17.95
C LEU C 7 -28.79 26.47 18.13
N PRO C 8 -28.36 26.17 19.35
CA PRO C 8 -26.94 26.23 19.66
C PRO C 8 -26.25 25.37 18.61
N GLY C 9 -25.14 25.75 18.06
CA GLY C 9 -24.35 24.95 17.11
C GLY C 9 -24.52 25.50 15.71
N SER C 10 -25.53 26.37 15.55
CA SER C 10 -25.70 26.96 14.20
C SER C 10 -24.37 27.59 13.78
N GLY C 11 -24.11 27.54 12.51
CA GLY C 11 -22.91 28.01 11.92
C GLY C 11 -21.70 27.23 12.26
N GLN C 12 -21.67 26.23 13.06
CA GLN C 12 -20.36 25.54 13.35
C GLN C 12 -19.94 24.71 12.18
N PHE C 13 -18.69 24.39 12.04
CA PHE C 13 -18.14 23.44 11.00
C PHE C 13 -17.56 22.22 11.75
N LEU C 14 -18.16 21.09 11.65
CA LEU C 14 -17.69 19.87 12.37
C LEU C 14 -17.05 19.00 11.33
N THR C 15 -15.77 18.69 11.32
CA THR C 15 -15.17 18.01 10.15
C THR C 15 -15.80 16.69 9.87
N THR C 16 -16.61 16.12 10.73
CA THR C 16 -17.21 14.79 10.68
C THR C 16 -18.64 14.67 10.36
N ASP C 17 -19.35 15.77 10.09
CA ASP C 17 -20.75 15.85 9.82
C ASP C 17 -20.93 15.44 8.36
N ASP C 18 -22.10 15.06 7.90
CA ASP C 18 -22.26 14.62 6.49
C ASP C 18 -23.53 15.19 5.90
N ARG C 19 -23.43 16.25 5.15
CA ARG C 19 -24.61 16.92 4.60
C ARG C 19 -24.47 17.20 3.11
N GLN C 20 -25.55 17.77 2.54
CA GLN C 20 -25.55 18.09 1.09
C GLN C 20 -24.95 19.48 0.85
N SER C 21 -24.43 19.77 -0.27
CA SER C 21 -23.83 20.99 -0.70
C SER C 21 -24.16 21.25 -2.13
N PRO C 22 -24.19 22.49 -2.49
CA PRO C 22 -24.37 22.81 -3.95
C PRO C 22 -23.15 22.33 -4.75
N SER C 23 -23.35 21.80 -5.95
CA SER C 23 -22.21 21.45 -6.82
C SER C 23 -21.71 22.72 -7.53
N ALA C 24 -20.42 22.99 -7.49
CA ALA C 24 -19.82 24.12 -8.20
C ALA C 24 -19.87 23.94 -9.72
N LEU C 25 -19.81 22.78 -10.23
CA LEU C 25 -19.86 22.36 -11.59
C LEU C 25 -21.23 21.69 -11.93
N PRO C 26 -22.23 22.52 -12.06
CA PRO C 26 -23.56 22.03 -12.40
C PRO C 26 -23.44 21.42 -13.81
N ASN C 27 -24.01 20.26 -13.88
CA ASN C 27 -24.19 19.47 -15.04
C ASN C 27 -23.09 18.74 -15.75
N TYR C 28 -22.01 18.71 -15.13
CA TYR C 28 -20.74 18.11 -15.59
C TYR C 28 -20.86 16.61 -15.57
N GLU C 29 -20.34 15.93 -16.48
CA GLU C 29 -20.38 14.50 -16.60
C GLU C 29 -19.11 13.81 -16.37
N PRO C 30 -18.98 13.09 -15.26
CA PRO C 30 -17.67 12.44 -14.92
C PRO C 30 -17.26 11.36 -15.87
N THR C 31 -15.97 11.02 -15.99
CA THR C 31 -15.52 9.94 -16.85
C THR C 31 -16.12 8.64 -16.41
N PRO C 32 -16.50 7.81 -17.36
CA PRO C 32 -17.12 6.50 -17.08
C PRO C 32 -16.23 5.67 -16.20
N ARG C 33 -16.71 4.79 -15.38
CA ARG C 33 -15.74 3.93 -14.60
C ARG C 33 -15.34 2.76 -15.48
N ILE C 34 -14.15 2.25 -15.49
CA ILE C 34 -13.87 1.01 -16.27
C ILE C 34 -13.61 -0.01 -15.17
N HIS C 35 -13.32 -1.23 -15.44
CA HIS C 35 -13.14 -2.22 -14.33
C HIS C 35 -11.73 -2.23 -13.85
N ILE C 36 -11.40 -2.31 -12.64
CA ILE C 36 -9.91 -2.34 -12.25
C ILE C 36 -9.88 -3.47 -11.26
N PRO C 37 -9.06 -4.47 -11.32
CA PRO C 37 -9.02 -5.52 -10.28
C PRO C 37 -8.63 -4.88 -8.97
N GLY C 38 -8.82 -5.48 -7.81
CA GLY C 38 -8.38 -5.01 -6.57
C GLY C 38 -9.14 -4.11 -5.74
N LYS C 39 -10.44 -3.91 -5.84
CA LYS C 39 -11.20 -2.90 -5.06
C LYS C 39 -11.21 -3.28 -3.60
N VAL C 40 -10.99 -2.27 -2.76
CA VAL C 40 -11.01 -2.46 -1.27
C VAL C 40 -12.29 -1.88 -0.72
N HIS C 41 -13.01 -2.50 0.16
CA HIS C 41 -14.17 -1.84 0.71
C HIS C 41 -13.96 -1.52 2.18
N ASN C 42 -13.37 -2.36 2.95
CA ASN C 42 -13.22 -2.16 4.39
C ASN C 42 -11.77 -2.28 4.77
N LEU C 43 -11.31 -1.53 5.73
CA LEU C 43 -9.88 -1.75 6.14
C LEU C 43 -9.82 -3.16 6.77
N LEU C 44 -10.97 -3.69 7.15
CA LEU C 44 -11.00 -5.04 7.79
C LEU C 44 -10.66 -6.04 6.72
N GLU C 45 -10.83 -5.69 5.44
CA GLU C 45 -10.49 -6.70 4.42
C GLU C 45 -8.99 -6.89 4.36
N ILE C 46 -8.27 -5.79 4.40
CA ILE C 46 -6.82 -5.87 4.24
C ILE C 46 -6.06 -6.28 5.46
N ILE C 47 -6.44 -5.98 6.69
CA ILE C 47 -5.65 -6.42 7.86
C ILE C 47 -5.69 -7.93 8.03
N GLN C 48 -6.37 -8.69 7.18
CA GLN C 48 -6.33 -10.16 7.25
C GLN C 48 -5.25 -10.71 6.36
N VAL C 49 -4.62 -9.93 5.53
CA VAL C 49 -3.43 -10.40 4.75
C VAL C 49 -2.24 -10.35 5.69
N ASP C 50 -1.44 -11.41 5.74
CA ASP C 50 -0.31 -11.33 6.74
C ASP C 50 0.88 -10.63 6.09
N THR C 51 1.64 -9.98 6.93
CA THR C 51 2.88 -9.28 6.60
C THR C 51 3.90 -9.64 7.68
N LEU C 52 5.15 -9.50 7.34
CA LEU C 52 6.32 -9.84 8.13
C LEU C 52 6.47 -8.89 9.32
N ILE C 53 6.90 -9.37 10.44
CA ILE C 53 7.20 -8.62 11.66
C ILE C 53 8.70 -8.47 11.86
N PRO C 54 9.20 -7.27 11.99
CA PRO C 54 10.67 -7.12 12.25
C PRO C 54 10.89 -7.54 13.68
N MET C 55 10.84 -8.82 14.02
CA MET C 55 10.95 -9.32 15.35
C MET C 55 12.32 -9.13 15.98
N ASN C 56 13.35 -9.27 15.20
CA ASN C 56 14.73 -9.13 15.49
C ASN C 56 15.23 -7.67 15.51
N ASN C 57 14.42 -6.77 15.94
CA ASN C 57 14.63 -5.46 16.34
C ASN C 57 15.92 -4.96 17.00
N THR C 58 16.83 -5.74 17.34
CA THR C 58 18.05 -5.53 18.01
C THR C 58 19.06 -4.82 17.21
N HIS C 59 18.82 -4.57 15.95
CA HIS C 59 19.85 -3.79 15.22
C HIS C 59 19.74 -2.32 15.60
N THR C 60 20.67 -1.61 14.97
CA THR C 60 20.85 -0.20 15.18
C THR C 60 20.47 0.72 14.08
N LYS C 61 20.23 0.22 12.90
CA LYS C 61 19.70 1.04 11.76
C LYS C 61 18.72 0.08 11.07
N ASP C 62 17.69 0.44 10.37
CA ASP C 62 16.73 -0.55 9.83
C ASP C 62 17.47 -1.47 8.85
N GLU C 63 17.32 -2.75 8.99
CA GLU C 63 17.96 -3.70 8.06
C GLU C 63 17.13 -4.93 7.83
N VAL C 64 17.34 -5.61 6.68
CA VAL C 64 16.56 -6.76 6.26
C VAL C 64 16.69 -7.86 7.30
N ASN C 65 17.46 -7.66 8.27
CA ASN C 65 17.95 -8.69 9.16
C ASN C 65 17.19 -8.74 10.40
N SER C 66 16.33 -7.73 10.45
CA SER C 66 15.54 -7.61 11.75
C SER C 66 14.23 -8.32 11.50
N TYR C 67 14.12 -8.86 10.26
CA TYR C 67 12.97 -9.68 9.91
C TYR C 67 13.36 -11.14 10.19
N LEU C 68 14.64 -11.41 10.37
CA LEU C 68 15.10 -12.78 10.55
C LEU C 68 15.30 -13.14 12.01
N ILE C 69 14.57 -14.13 12.52
CA ILE C 69 14.75 -14.69 13.88
C ILE C 69 15.74 -15.82 13.75
N PRO C 70 16.89 -15.75 14.38
CA PRO C 70 17.92 -16.83 14.17
C PRO C 70 17.62 -17.99 15.08
N LEU C 71 18.08 -19.13 14.67
CA LEU C 71 17.95 -20.41 15.39
C LEU C 71 19.36 -21.01 15.46
N ASN C 72 19.74 -21.59 16.58
CA ASN C 72 21.02 -22.23 16.78
C ASN C 72 20.96 -23.71 16.82
N ALA C 73 21.77 -24.49 16.09
CA ALA C 73 21.69 -25.99 16.17
C ALA C 73 22.10 -26.50 17.53
N ASN C 74 21.66 -27.68 17.86
CA ASN C 74 21.90 -28.26 19.14
C ASN C 74 21.64 -27.47 20.36
N ARG C 75 20.86 -26.47 20.51
CA ARG C 75 20.56 -25.93 21.91
C ARG C 75 19.28 -26.69 22.37
N GLN C 76 19.11 -26.90 23.58
CA GLN C 76 18.00 -27.67 24.21
C GLN C 76 17.24 -26.72 25.09
N ASN C 77 16.13 -27.00 25.67
CA ASN C 77 15.41 -26.18 26.62
C ASN C 77 15.39 -24.73 26.43
N GLU C 78 16.10 -24.00 25.68
CA GLU C 78 16.26 -22.54 25.63
C GLU C 78 15.27 -21.68 24.95
N GLN C 79 15.34 -20.35 24.99
CA GLN C 79 14.30 -19.48 24.43
C GLN C 79 14.65 -18.82 23.15
N VAL C 80 13.81 -18.93 22.10
CA VAL C 80 14.06 -18.36 20.78
C VAL C 80 13.75 -16.88 20.68
N PHE C 81 12.73 -16.36 21.24
CA PHE C 81 12.39 -14.90 21.12
C PHE C 81 11.32 -14.58 22.15
N GLY C 82 10.97 -13.35 22.35
CA GLY C 82 9.92 -12.99 23.36
C GLY C 82 9.45 -11.61 22.90
N THR C 83 8.29 -11.22 23.19
CA THR C 83 7.72 -9.92 22.91
C THR C 83 6.41 -9.73 23.68
N ASN C 84 6.08 -8.51 24.02
CA ASN C 84 4.70 -8.37 24.64
C ASN C 84 3.72 -8.22 23.46
N LEU C 85 2.45 -8.11 23.75
CA LEU C 85 1.52 -7.99 22.60
C LEU C 85 0.91 -6.60 22.60
N PHE C 86 1.71 -5.59 22.49
CA PHE C 86 1.10 -4.21 22.33
C PHE C 86 1.16 -4.05 20.81
N ILE C 87 0.08 -4.45 20.14
CA ILE C 87 0.04 -4.38 18.68
C ILE C 87 0.23 -3.00 18.16
N GLY C 88 0.07 -1.97 18.97
CA GLY C 88 0.27 -0.61 18.41
C GLY C 88 1.66 -0.06 18.64
N ASP C 89 2.60 -0.85 19.06
CA ASP C 89 3.90 -0.38 19.41
C ASP C 89 4.97 -1.37 19.21
N GLY C 90 6.26 -1.01 19.39
CA GLY C 90 7.25 -2.12 19.36
C GLY C 90 7.36 -2.92 18.15
N VAL C 91 7.57 -4.23 18.14
CA VAL C 91 7.73 -4.96 16.84
C VAL C 91 6.56 -4.77 15.89
N PHE C 92 5.34 -4.86 16.35
CA PHE C 92 4.12 -4.80 15.60
C PHE C 92 3.88 -3.51 14.88
N LYS C 93 4.43 -2.48 15.41
CA LYS C 93 4.09 -1.11 14.98
C LYS C 93 4.25 -0.75 13.55
N THR C 94 5.12 -1.31 12.77
CA THR C 94 5.40 -0.95 11.37
C THR C 94 4.74 -1.94 10.42
N THR C 95 4.25 -3.02 10.98
CA THR C 95 3.55 -4.02 10.17
C THR C 95 2.25 -3.38 9.68
N LEU C 96 1.65 -3.94 8.64
CA LEU C 96 0.38 -3.40 8.12
C LEU C 96 -0.70 -3.40 9.18
N LEU C 97 -0.74 -4.46 9.99
CA LEU C 97 -1.70 -4.58 11.06
C LEU C 97 -1.45 -3.44 12.06
N GLY C 98 -0.22 -3.38 12.47
CA GLY C 98 0.15 -2.35 13.46
C GLY C 98 -0.19 -0.96 12.95
N GLU C 99 0.05 -0.78 11.70
CA GLU C 99 -0.05 0.50 10.98
C GLU C 99 -1.47 0.93 10.85
N ILE C 100 -2.43 0.01 10.72
CA ILE C 100 -3.85 0.31 10.60
C ILE C 100 -4.51 0.46 11.96
N VAL C 101 -4.16 -0.38 12.87
CA VAL C 101 -4.64 -0.35 14.25
C VAL C 101 -4.44 1.04 14.84
N GLN C 102 -3.40 1.67 14.40
CA GLN C 102 -3.02 3.00 14.84
C GLN C 102 -3.97 4.04 14.31
N TYR C 103 -4.78 3.76 13.31
CA TYR C 103 -5.81 4.75 12.90
C TYR C 103 -7.00 4.59 13.80
N TYR C 104 -7.03 3.63 14.70
CA TYR C 104 -8.26 3.51 15.56
C TYR C 104 -7.88 3.52 17.00
N THR C 105 -8.82 3.86 17.88
CA THR C 105 -8.55 3.89 19.30
C THR C 105 -8.66 2.59 20.04
N HIS C 106 -9.56 1.73 19.71
CA HIS C 106 -9.88 0.46 20.39
C HIS C 106 -9.77 -0.72 19.46
N TRP C 107 -9.38 -1.88 19.90
CA TRP C 107 -9.35 -3.07 19.00
C TRP C 107 -9.88 -4.22 19.86
N SER C 108 -10.39 -5.24 19.26
CA SER C 108 -10.79 -6.45 19.99
C SER C 108 -10.68 -7.58 18.98
N GLY C 109 -10.48 -8.84 19.35
CA GLY C 109 -10.37 -9.87 18.34
C GLY C 109 -9.22 -10.82 18.45
N SER C 110 -9.25 -11.86 17.50
CA SER C 110 -8.03 -12.77 17.65
C SER C 110 -6.96 -12.42 16.68
N LEU C 111 -5.70 -12.68 16.97
CA LEU C 111 -4.57 -12.36 16.07
C LEU C 111 -4.03 -13.68 15.51
N ARG C 112 -3.48 -13.58 14.30
CA ARG C 112 -2.89 -14.90 13.85
C ARG C 112 -1.43 -14.66 13.69
N PHE C 113 -0.59 -15.36 14.43
CA PHE C 113 0.90 -15.25 14.38
C PHE C 113 1.49 -16.47 13.74
N SER C 114 2.11 -16.50 12.64
CA SER C 114 2.67 -17.71 12.01
C SER C 114 4.17 -17.56 11.84
N LEU C 115 4.88 -18.63 11.72
CA LEU C 115 6.36 -18.67 11.60
C LEU C 115 6.66 -19.52 10.38
N MET C 116 7.43 -19.05 9.43
CA MET C 116 7.73 -19.99 8.26
C MET C 116 9.19 -20.39 8.43
N TYR C 117 9.55 -21.65 8.40
CA TYR C 117 10.95 -22.09 8.59
C TYR C 117 11.71 -22.09 7.28
N THR C 118 12.97 -21.62 7.28
CA THR C 118 13.78 -21.52 6.07
C THR C 118 15.04 -22.36 6.05
N GLY C 119 15.30 -23.17 7.08
CA GLY C 119 16.51 -24.04 7.14
C GLY C 119 16.58 -25.08 6.07
N PRO C 120 17.79 -25.65 5.84
CA PRO C 120 17.89 -26.73 4.81
C PRO C 120 16.77 -27.74 5.03
N ALA C 121 16.33 -28.29 3.89
CA ALA C 121 15.36 -29.36 3.92
C ALA C 121 15.79 -30.59 4.73
N LEU C 122 17.03 -30.99 4.82
CA LEU C 122 17.49 -32.18 5.56
C LEU C 122 17.73 -31.92 7.04
N SER C 123 17.27 -30.77 7.56
CA SER C 123 17.39 -30.49 9.00
C SER C 123 16.06 -30.78 9.69
N SER C 124 15.98 -30.63 10.99
CA SER C 124 14.65 -30.91 11.64
C SER C 124 14.58 -30.12 12.90
N ALA C 125 13.46 -29.88 13.48
CA ALA C 125 13.43 -29.06 14.73
C ALA C 125 12.04 -29.18 15.31
N LYS C 126 11.88 -28.99 16.59
CA LYS C 126 10.57 -28.93 17.26
C LYS C 126 10.65 -27.70 18.21
N LEU C 127 9.78 -26.74 17.97
CA LEU C 127 9.64 -25.55 18.72
C LEU C 127 8.29 -25.50 19.41
N ILE C 128 8.21 -24.78 20.49
CA ILE C 128 6.91 -24.54 21.19
C ILE C 128 6.59 -23.03 21.17
N LEU C 129 5.45 -22.59 20.74
CA LEU C 129 5.13 -21.16 20.78
C LEU C 129 4.11 -21.02 21.94
N ALA C 130 4.22 -20.03 22.76
CA ALA C 130 3.29 -19.93 23.90
C ALA C 130 2.74 -18.53 23.93
N TYR C 131 1.46 -18.37 24.17
CA TYR C 131 0.75 -17.11 24.38
C TYR C 131 0.49 -17.04 25.89
N THR C 132 0.83 -16.01 26.58
CA THR C 132 0.59 -15.94 28.08
C THR C 132 -0.47 -14.87 28.29
N PRO C 133 -1.63 -15.19 28.74
CA PRO C 133 -2.74 -14.21 28.87
C PRO C 133 -2.42 -13.25 30.00
N PRO C 134 -3.00 -12.09 29.95
CA PRO C 134 -2.69 -10.95 30.83
C PRO C 134 -2.75 -11.38 32.24
N GLY C 135 -1.87 -10.87 33.12
CA GLY C 135 -2.02 -11.30 34.53
C GLY C 135 -0.82 -11.97 35.07
N ALA C 136 -0.04 -12.57 34.23
CA ALA C 136 1.25 -13.25 34.65
C ALA C 136 2.39 -12.52 33.99
N ARG C 137 3.62 -12.73 34.33
CA ARG C 137 4.78 -12.10 33.69
C ARG C 137 5.16 -12.82 32.41
N GLY C 138 6.01 -12.18 31.64
CA GLY C 138 6.52 -12.94 30.39
C GLY C 138 7.18 -14.19 31.03
N PRO C 139 6.89 -15.34 30.46
CA PRO C 139 7.45 -16.60 31.00
C PRO C 139 8.97 -16.49 30.93
N GLN C 140 9.58 -17.08 31.91
CA GLN C 140 10.99 -17.17 32.08
C GLN C 140 11.65 -18.46 31.72
N ASP C 141 10.99 -19.50 31.46
CA ASP C 141 11.53 -20.81 31.04
C ASP C 141 10.30 -21.53 30.45
N ARG C 142 10.54 -22.52 29.66
CA ARG C 142 9.48 -23.26 28.91
C ARG C 142 8.49 -23.84 29.89
N ARG C 143 8.98 -24.12 31.12
CA ARG C 143 8.00 -24.85 31.99
C ARG C 143 6.90 -23.81 32.24
N GLU C 144 7.43 -22.65 32.50
CA GLU C 144 6.47 -21.59 32.81
C GLU C 144 5.64 -21.33 31.58
N ALA C 145 6.30 -21.35 30.42
CA ALA C 145 5.61 -20.97 29.17
C ALA C 145 4.55 -21.98 28.76
N MET C 146 4.87 -23.22 28.91
CA MET C 146 4.01 -24.33 28.42
C MET C 146 2.73 -24.39 29.20
N LEU C 147 2.50 -23.72 30.31
CA LEU C 147 1.23 -23.81 31.05
C LEU C 147 0.13 -22.88 30.51
N GLY C 148 0.32 -22.16 29.47
CA GLY C 148 -0.59 -21.21 28.85
C GLY C 148 -0.75 -21.70 27.41
N THR C 149 -1.41 -20.89 26.59
CA THR C 149 -1.74 -21.23 25.20
C THR C 149 -0.48 -21.57 24.47
N HIS C 150 -0.42 -22.73 23.89
CA HIS C 150 0.90 -23.08 23.21
C HIS C 150 0.65 -24.04 22.09
N VAL C 151 1.52 -24.24 21.15
CA VAL C 151 1.46 -25.18 20.03
C VAL C 151 2.84 -25.86 19.89
N VAL C 152 2.98 -27.14 19.97
CA VAL C 152 4.33 -27.73 19.64
C VAL C 152 4.39 -27.74 18.13
N TRP C 153 5.31 -27.10 17.53
CA TRP C 153 5.43 -27.04 16.04
C TRP C 153 6.39 -28.06 15.54
N ASP C 154 6.09 -28.93 14.64
CA ASP C 154 7.15 -29.95 14.23
C ASP C 154 7.55 -29.49 12.84
N ILE C 155 8.77 -29.15 12.63
CA ILE C 155 9.25 -28.59 11.30
C ILE C 155 9.25 -29.68 10.31
N GLY C 156 8.48 -29.49 9.22
CA GLY C 156 8.40 -30.57 8.23
C GLY C 156 8.27 -29.99 6.84
N LEU C 157 7.62 -30.84 6.05
CA LEU C 157 7.34 -30.54 4.66
C LEU C 157 6.53 -29.28 4.58
N GLN C 158 5.51 -29.23 5.32
CA GLN C 158 4.66 -28.05 5.61
C GLN C 158 5.52 -27.08 6.40
N SER C 159 5.83 -25.99 5.68
CA SER C 159 6.83 -25.03 6.13
C SER C 159 6.40 -24.05 7.18
N THR C 160 5.15 -23.63 7.23
CA THR C 160 4.64 -22.65 8.19
C THR C 160 3.72 -23.21 9.21
N ILE C 161 3.63 -22.64 10.37
CA ILE C 161 2.80 -22.94 11.47
C ILE C 161 2.03 -21.64 11.80
N VAL C 162 0.77 -21.73 11.98
CA VAL C 162 -0.10 -20.63 12.29
C VAL C 162 -0.60 -20.72 13.70
N MET C 163 -0.13 -19.91 14.60
CA MET C 163 -0.58 -19.86 15.96
C MET C 163 -1.65 -18.77 16.05
N THR C 164 -2.66 -18.98 16.76
CA THR C 164 -3.74 -17.91 16.94
C THR C 164 -3.65 -17.36 18.29
N ILE C 165 -3.66 -16.10 18.54
CA ILE C 165 -3.71 -15.62 20.01
C ILE C 165 -5.17 -15.41 20.26
N PRO C 166 -5.87 -16.39 20.78
CA PRO C 166 -7.35 -16.22 20.95
C PRO C 166 -7.65 -15.06 21.85
N TRP C 167 -8.71 -14.30 21.60
CA TRP C 167 -9.08 -13.16 22.44
C TRP C 167 -9.40 -13.63 23.89
N THR C 168 -8.46 -13.36 24.79
CA THR C 168 -8.63 -13.60 26.21
C THR C 168 -8.78 -12.30 26.95
N SER C 169 -9.98 -11.95 27.39
CA SER C 169 -10.16 -10.64 27.99
C SER C 169 -11.37 -10.48 28.84
N GLY C 170 -11.25 -9.66 29.87
CA GLY C 170 -12.41 -9.34 30.73
C GLY C 170 -13.22 -8.29 29.89
N VAL C 171 -12.69 -7.11 29.83
CA VAL C 171 -13.14 -5.94 29.08
C VAL C 171 -13.17 -6.35 27.61
N GLN C 172 -14.20 -5.96 26.91
CA GLN C 172 -14.35 -6.36 25.48
C GLN C 172 -13.60 -5.55 24.53
N PHE C 173 -12.93 -4.51 24.89
CA PHE C 173 -12.05 -3.75 23.96
C PHE C 173 -10.79 -3.37 24.73
N ARG C 174 -9.75 -3.26 24.03
CA ARG C 174 -8.44 -2.81 24.56
C ARG C 174 -8.07 -1.58 23.79
N TYR C 175 -7.22 -0.78 24.35
CA TYR C 175 -6.76 0.44 23.65
C TYR C 175 -5.55 0.02 22.71
N THR C 176 -5.44 0.62 21.50
CA THR C 176 -4.33 0.26 20.57
C THR C 176 -3.04 0.87 21.08
N ASP C 177 -3.12 2.03 21.63
CA ASP C 177 -1.90 2.67 22.25
C ASP C 177 -1.70 1.95 23.55
N PRO C 178 -0.50 1.59 23.91
CA PRO C 178 -0.29 0.63 25.04
C PRO C 178 -0.84 1.21 26.30
N ASP C 179 -1.60 0.34 26.95
CA ASP C 179 -2.22 0.70 28.26
C ASP C 179 -2.23 -0.51 29.18
N THR C 180 -2.06 -0.31 30.46
CA THR C 180 -1.90 -1.42 31.39
C THR C 180 -3.12 -2.28 31.61
N TYR C 181 -4.17 -1.59 32.02
CA TYR C 181 -5.40 -2.26 32.46
C TYR C 181 -5.84 -3.21 31.33
N THR C 182 -5.76 -2.60 30.17
CA THR C 182 -6.03 -3.09 28.86
C THR C 182 -4.94 -3.90 28.24
N SER C 183 -4.00 -4.48 28.98
CA SER C 183 -2.84 -5.11 28.26
C SER C 183 -3.11 -6.49 27.80
N ALA C 184 -2.53 -7.05 26.75
CA ALA C 184 -2.88 -8.34 26.26
C ALA C 184 -2.06 -9.54 26.51
N GLY C 185 -0.95 -9.53 27.19
CA GLY C 185 -0.11 -10.75 27.36
C GLY C 185 1.26 -10.71 26.72
N PHE C 186 1.87 -11.85 26.58
CA PHE C 186 3.15 -12.05 26.03
C PHE C 186 3.12 -13.22 25.06
N LEU C 187 4.10 -13.19 24.20
CA LEU C 187 4.24 -14.34 23.21
C LEU C 187 5.64 -14.84 23.32
N SER C 188 5.99 -16.05 23.58
CA SER C 188 7.40 -16.49 23.64
C SER C 188 7.56 -17.72 22.79
N CYS C 189 8.77 -18.18 22.51
CA CYS C 189 9.00 -19.42 21.66
C CYS C 189 10.27 -20.07 22.20
N TRP C 190 10.34 -21.38 22.38
CA TRP C 190 11.47 -22.10 22.98
C TRP C 190 11.77 -23.32 22.20
N TYR C 191 12.94 -23.90 22.29
CA TYR C 191 13.20 -25.21 21.64
C TYR C 191 12.41 -26.28 22.36
N GLN C 192 11.73 -27.16 21.66
CA GLN C 192 10.91 -28.22 22.31
C GLN C 192 11.83 -29.44 22.41
N THR C 193 12.55 -29.63 21.34
CA THR C 193 13.65 -30.62 21.37
C THR C 193 14.85 -29.77 20.90
N SER C 194 15.07 -29.58 19.64
CA SER C 194 16.23 -28.69 19.29
C SER C 194 16.45 -28.70 17.83
N LEU C 195 17.10 -27.72 17.20
CA LEU C 195 17.29 -27.74 15.72
C LEU C 195 18.45 -28.70 15.41
N ILE C 196 18.41 -29.48 14.40
CA ILE C 196 19.54 -30.45 14.09
C ILE C 196 19.97 -30.27 12.68
N LEU C 197 21.17 -29.90 12.30
CA LEU C 197 21.44 -29.65 10.82
C LEU C 197 22.00 -30.91 10.23
N PRO C 198 21.82 -31.13 8.94
CA PRO C 198 22.45 -32.34 8.32
C PRO C 198 23.92 -32.09 8.21
N PRO C 199 24.68 -33.13 7.94
CA PRO C 199 26.09 -33.05 7.64
C PRO C 199 26.37 -32.03 6.55
N GLU C 200 27.60 -31.54 6.53
CA GLU C 200 28.06 -30.66 5.44
C GLU C 200 27.34 -29.34 5.51
N THR C 201 26.69 -29.10 6.60
CA THR C 201 25.89 -27.86 6.75
C THR C 201 26.27 -27.11 7.96
N THR C 202 26.14 -25.79 7.92
CA THR C 202 26.53 -25.09 9.20
C THR C 202 26.00 -23.73 9.45
N GLY C 203 26.09 -23.35 10.75
CA GLY C 203 25.60 -22.01 11.06
C GLY C 203 24.20 -21.84 11.52
N GLN C 204 23.70 -20.61 11.39
CA GLN C 204 22.35 -20.27 11.87
C GLN C 204 21.30 -20.50 10.77
N VAL C 205 20.12 -20.84 11.21
CA VAL C 205 18.99 -20.92 10.18
C VAL C 205 18.03 -19.85 10.65
N TYR C 206 17.14 -19.32 9.82
CA TYR C 206 16.20 -18.32 10.34
C TYR C 206 14.77 -18.66 10.14
N LEU C 207 13.92 -18.15 10.97
CA LEU C 207 12.47 -18.24 10.84
C LEU C 207 12.00 -16.82 10.34
N LEU C 208 11.07 -16.74 9.46
CA LEU C 208 10.38 -15.50 9.13
C LEU C 208 9.10 -15.47 9.97
N SER C 209 8.64 -14.35 10.44
CA SER C 209 7.35 -14.43 11.24
C SER C 209 6.35 -13.46 10.68
N PHE C 210 5.07 -13.82 10.56
CA PHE C 210 4.07 -12.87 10.04
C PHE C 210 3.01 -12.52 11.07
N ILE C 211 2.24 -11.46 10.89
CA ILE C 211 1.06 -11.17 11.72
C ILE C 211 -0.09 -10.65 10.81
N SER C 212 -1.26 -11.09 11.06
CA SER C 212 -2.53 -10.70 10.46
C SER C 212 -3.66 -10.89 11.47
N ALA C 213 -4.80 -10.30 11.28
CA ALA C 213 -5.92 -10.38 12.21
C ALA C 213 -6.90 -11.45 11.84
N CYS C 214 -7.51 -12.13 12.75
CA CYS C 214 -8.58 -13.14 12.46
C CYS C 214 -9.83 -12.39 12.05
N PRO C 215 -10.81 -13.13 11.54
CA PRO C 215 -12.04 -12.53 11.02
C PRO C 215 -12.91 -12.03 12.14
N ASP C 216 -12.67 -12.21 13.34
CA ASP C 216 -13.02 -12.00 14.68
C ASP C 216 -12.92 -10.55 15.09
N PHE C 217 -11.90 -9.92 14.52
CA PHE C 217 -11.36 -8.60 14.80
C PHE C 217 -12.28 -7.43 14.69
N LYS C 218 -12.23 -6.48 15.55
CA LYS C 218 -12.99 -5.23 15.51
C LYS C 218 -12.05 -4.09 15.84
N LEU C 219 -12.17 -2.98 15.23
CA LEU C 219 -11.37 -1.75 15.41
C LEU C 219 -12.44 -0.64 15.47
N ARG C 220 -12.35 0.32 16.29
CA ARG C 220 -13.32 1.40 16.36
C ARG C 220 -12.74 2.67 16.91
N LEU C 221 -13.45 3.79 16.70
CA LEU C 221 -13.16 5.13 17.09
C LEU C 221 -11.86 5.64 16.42
N MET C 222 -12.07 6.08 15.21
CA MET C 222 -10.93 6.56 14.37
C MET C 222 -10.29 7.80 14.99
N LYS C 223 -9.02 7.88 14.79
CA LYS C 223 -8.17 8.97 15.22
C LYS C 223 -6.92 9.04 14.34
N ASP C 224 -6.10 9.99 14.67
CA ASP C 224 -4.88 10.32 13.92
C ASP C 224 -3.70 9.47 14.34
N THR C 225 -2.81 9.14 13.42
CA THR C 225 -1.72 8.19 13.70
C THR C 225 -0.51 8.96 14.18
N GLN C 226 0.18 8.39 15.14
CA GLN C 226 1.44 8.94 15.60
C GLN C 226 2.48 8.61 14.54
N THR C 227 2.15 7.81 13.57
CA THR C 227 3.17 7.43 12.60
C THR C 227 3.49 8.37 11.54
N ILE C 228 3.06 9.58 11.49
CA ILE C 228 3.39 10.55 10.43
C ILE C 228 3.14 11.97 10.83
N SER C 229 4.11 12.82 10.51
CA SER C 229 3.96 14.27 10.96
C SER C 229 4.75 15.14 10.00
N GLN C 230 4.78 16.43 10.27
CA GLN C 230 5.48 17.28 9.27
C GLN C 230 5.72 18.61 9.91
N THR C 231 6.68 19.37 9.37
CA THR C 231 6.92 20.70 9.95
C THR C 231 6.59 21.77 8.94
N VAL C 232 6.71 21.61 7.68
CA VAL C 232 6.18 22.76 6.80
C VAL C 232 5.41 22.14 5.70
N ALA C 233 4.52 22.91 5.07
CA ALA C 233 3.74 22.20 3.98
C ALA C 233 4.70 21.80 2.88
N LEU C 234 4.47 20.67 2.26
CA LEU C 234 5.33 20.30 1.10
C LEU C 234 4.91 21.17 -0.08
N THR C 235 5.78 21.22 -1.07
CA THR C 235 5.48 21.89 -2.37
C THR C 235 5.96 21.01 -3.52
N GLU C 236 5.70 21.47 -4.75
CA GLU C 236 6.04 20.61 -5.93
C GLU C 236 7.52 20.81 -6.23
N ILE D 29 -34.14 13.31 1.53
CA ILE D 29 -34.47 14.33 0.48
C ILE D 29 -33.32 15.07 -0.16
N ASN D 30 -33.08 14.89 -1.44
CA ASN D 30 -31.93 15.66 -2.00
C ASN D 30 -32.44 17.04 -2.30
N TYR D 31 -31.81 18.11 -1.89
CA TYR D 31 -32.28 19.46 -2.28
C TYR D 31 -31.67 19.98 -3.57
N TYR D 32 -30.67 19.25 -4.00
CA TYR D 32 -29.85 19.66 -5.14
C TYR D 32 -29.91 18.67 -6.27
N LYS D 33 -29.66 19.20 -7.47
CA LYS D 33 -29.82 18.47 -8.69
C LYS D 33 -28.75 17.49 -9.05
N ASP D 34 -27.51 17.78 -8.73
CA ASP D 34 -26.37 16.98 -9.15
C ASP D 34 -26.03 15.90 -8.19
N ALA D 35 -25.45 14.77 -8.63
CA ALA D 35 -25.19 13.69 -7.66
C ALA D 35 -24.03 13.98 -6.75
N ALA D 36 -23.18 14.90 -7.13
CA ALA D 36 -21.96 15.09 -6.31
C ALA D 36 -22.41 15.81 -5.07
N SER D 37 -23.68 16.22 -5.15
CA SER D 37 -23.95 17.18 -4.00
C SER D 37 -24.56 16.47 -2.89
N THR D 38 -24.78 15.19 -3.04
CA THR D 38 -25.43 14.36 -1.98
C THR D 38 -24.44 13.99 -0.90
N SER D 39 -24.96 13.54 0.22
CA SER D 39 -24.06 13.28 1.37
C SER D 39 -23.38 11.93 1.13
N SER D 40 -22.60 11.60 2.14
CA SER D 40 -21.67 10.44 2.09
C SER D 40 -22.45 9.20 1.71
N ALA D 41 -21.73 8.22 1.15
CA ALA D 41 -22.35 7.03 0.66
C ALA D 41 -22.91 6.00 1.55
N GLY D 42 -22.80 5.64 2.77
CA GLY D 42 -23.62 4.27 3.11
C GLY D 42 -22.62 3.14 2.95
N GLN D 43 -22.75 2.12 3.87
CA GLN D 43 -21.65 1.11 4.02
C GLN D 43 -21.76 -0.07 3.05
N SER D 44 -20.60 -0.11 2.31
CA SER D 44 -20.39 -1.08 1.28
C SER D 44 -21.11 -2.39 1.72
N LEU D 45 -20.68 -2.58 3.00
CA LEU D 45 -21.25 -3.93 3.51
C LEU D 45 -20.98 -4.94 2.36
N SER D 46 -19.69 -4.66 1.72
CA SER D 46 -19.34 -5.67 0.68
C SER D 46 -18.41 -6.69 1.32
N MET D 47 -17.16 -6.35 1.56
CA MET D 47 -16.27 -7.22 2.33
C MET D 47 -15.97 -8.60 1.84
N ASP D 48 -14.87 -8.78 1.12
CA ASP D 48 -14.41 -10.04 0.62
C ASP D 48 -12.90 -10.04 0.47
N PRO D 49 -12.28 -10.48 1.54
CA PRO D 49 -10.82 -10.42 1.61
C PRO D 49 -10.22 -11.44 0.71
N SER D 50 -10.87 -12.34 0.15
CA SER D 50 -10.16 -13.41 -0.60
C SER D 50 -9.42 -12.83 -1.75
N LYS D 51 -9.73 -11.75 -2.38
CA LYS D 51 -8.84 -11.34 -3.50
C LYS D 51 -7.44 -11.02 -3.00
N PHE D 52 -7.30 -10.62 -1.77
CA PHE D 52 -6.06 -10.28 -1.09
C PHE D 52 -5.53 -11.45 -0.30
N THR D 53 -6.31 -12.20 0.40
CA THR D 53 -5.75 -13.27 1.26
C THR D 53 -5.58 -14.61 0.63
N GLU D 54 -6.22 -14.94 -0.43
CA GLU D 54 -6.14 -16.19 -1.10
C GLU D 54 -6.22 -16.07 -2.60
N PRO D 55 -5.29 -15.33 -3.20
CA PRO D 55 -5.30 -15.22 -4.66
C PRO D 55 -4.60 -16.42 -5.25
N VAL D 56 -4.73 -17.65 -4.75
CA VAL D 56 -4.01 -18.77 -5.38
C VAL D 56 -4.81 -19.37 -6.52
N LYS D 57 -4.17 -19.93 -7.49
CA LYS D 57 -4.79 -20.45 -8.69
C LYS D 57 -5.50 -21.74 -8.31
N ASP D 58 -4.96 -22.71 -7.70
CA ASP D 58 -5.64 -23.92 -7.28
C ASP D 58 -5.96 -23.69 -5.75
N LEU D 59 -7.22 -23.83 -5.50
CA LEU D 59 -7.91 -23.67 -4.26
C LEU D 59 -7.26 -24.50 -3.13
N MET D 60 -7.10 -23.84 -2.03
CA MET D 60 -6.46 -24.51 -0.89
C MET D 60 -7.50 -24.78 0.16
N LEU D 61 -7.70 -26.02 0.61
CA LEU D 61 -8.65 -26.23 1.73
C LEU D 61 -8.04 -26.31 3.08
N LYS D 62 -8.52 -25.54 4.00
CA LYS D 62 -7.86 -25.54 5.39
C LYS D 62 -7.85 -26.88 6.00
N GLY D 63 -6.72 -27.52 6.31
CA GLY D 63 -6.95 -28.89 6.99
C GLY D 63 -6.38 -29.89 6.03
N ALA D 64 -6.57 -29.65 4.78
CA ALA D 64 -5.85 -30.49 3.78
C ALA D 64 -4.41 -29.98 3.76
N PRO D 65 -3.48 -30.82 3.41
CA PRO D 65 -2.08 -30.45 3.27
C PRO D 65 -1.91 -29.28 2.29
N ALA D 66 -1.06 -28.37 2.61
CA ALA D 66 -0.71 -27.23 1.75
C ALA D 66 -0.10 -27.70 0.44
N LEU D 67 0.91 -28.56 0.58
CA LEU D 67 1.60 -29.03 -0.68
C LEU D 67 1.46 -30.55 -0.66
N ASN D 68 0.90 -31.05 -1.67
CA ASN D 68 0.55 -32.43 -1.96
C ASN D 68 1.66 -32.94 -2.92
C3 W91 E . -7.56 16.14 -6.55
C31 W91 E . -6.93 14.85 -6.18
C4 W91 E . -8.83 16.60 -6.41
C5 W91 E . -8.92 17.84 -6.90
O1 W91 E . -7.71 18.19 -7.40
N2 W91 E . -6.86 17.06 -7.13
C1C W91 E . -10.01 18.88 -7.01
C2C W91 E . -10.16 19.49 -8.41
C3C W91 E . -10.49 21.01 -8.40
O1B W91 E . -11.79 21.16 -7.80
C1B W91 E . -12.35 22.42 -7.59
C2B W91 E . -11.96 23.19 -6.50
CL2 W91 E . -10.74 22.65 -5.44
C3B W91 E . -12.60 24.40 -6.25
C4B W91 E . -13.60 24.86 -7.10
C5B W91 E . -13.94 24.10 -8.22
C6B W91 E . -13.31 22.90 -8.48
CL1 W91 E . -13.77 21.98 -9.84
C2A W91 E . -14.33 26.09 -6.78
N3A W91 E . -15.40 26.66 -7.53
C4A W91 E . -15.89 27.80 -6.97
C5A W91 E . -14.99 27.88 -5.76
O1A W91 E . -14.09 26.82 -5.72
#